data_2HG3
#
_entry.id   2HG3
#
_cell.length_a   139.844
_cell.length_b   139.844
_cell.length_c   184.335
_cell.angle_alpha   90.00
_cell.angle_beta   90.00
_cell.angle_gamma   120.00
#
_symmetry.space_group_name_H-M   'P 31 2 1'
#
loop_
_entity.id
_entity.type
_entity.pdbx_description
1 polymer 'Reaction center protein L chain'
2 polymer 'Reaction center protein M chain'
3 polymer 'Reaction center protein H chain'
4 non-polymer 'PHOSPHATE ION'
5 non-polymer 'BACTERIOCHLOROPHYLL A'
6 non-polymer 'BACTERIOPHEOPHYTIN A'
7 non-polymer UBIQUINONE-10
8 non-polymer HEPTANE-1,2,3-TRIOL
9 non-polymer 'LAURYL DIMETHYLAMINE-N-OXIDE'
10 non-polymer GLYCEROL
11 non-polymer 'FE (III) ION'
12 non-polymer CARDIOLIPIN
13 non-polymer '(7R,14S)-14,15-DIBROMO-4-HYDROXY-N,N,N-TRIMETHYL-9-OXO-7-[(PALMITOYLOXY)METHYL]-3,5,8-TRIOXA-4-PHOSPHAHEXACOSAN-1-AMINIUM 4-OXIDE'
14 non-polymer 'POTASSIUM ION'
15 water water
#
loop_
_entity_poly.entity_id
_entity_poly.type
_entity_poly.pdbx_seq_one_letter_code
_entity_poly.pdbx_strand_id
1 'polypeptide(L)'
;ALLSFERKYRVPGGTLVGGNLFDFWVGPFYVGFFGVATFFFAALGIILIAWSAVLQGTWNPQLISVYPPALEYGLGGAPL
AKGGLWQIITICATGAFVSWALREVEICRKLGIGYHIPFAFAFAILAYLTLVLFRPVMMGAWGYAFPYGIWTHLDWVSNT
GYTYGNFHYNPAHMIAISFFFTNALALALHGALVLSAANPEKGKEMRTPDHEDTFFRDLVGYSIGTLGIHRLGLLLSLSA
VFFSALCMIITGTIWFDQWVDWWQWWVKLPWWANIPGGING
;
L
2 'polypeptide(L)'
;AEYQNIFSQVQVRGPADLGMTEDVNLANRSGVGPFSTLLGWFGNAQLGPIYLGSLGVLSLFSGLMWFFTIGIWFWYQAGW
NPAVFLRDLFFFSLEPPAPEYGLSFAAPLKEGGLWLIASFFMFVAVWSWWGRTYLRAQALGMGKHTAWAFLSAIWLWMVL
GFIRPILMGSWSEAVPYGIFSHLDWTNNFSLVHGNLFYNPFHGLSIAFLYGSALLFAMHGATILAVSRFGGERELEQIAD
RGTAAERAALFWRWTMGFNATMEGIHRWAIWMAVLVTLTGGIGILLSGTVVDNWYVWGQNHGMAPLN
;
M
3 'polypeptide(L)'
;MVGVTAFGNFDLASLAIYSFWIFLAGLIYYLQTENMREGYPLENEDGTPAANQGPFPLPKPKTFILPHGRGTLTVPGPES
EDRPIALARTAVSEGFPHAPTGDPMKDGVGPASWVARRDLPELDGHGHNKIKPMKAAAGFHVSAGKNPIGLPVRGCDLEI
AGKVVDIWVDIPEQMARFLEVELKDGSTRLLPMQMVKVQSNRVHVNALSSDLFAGIPTIKSPTEVTLLEEDKICGYVAGG
LMYAAPKRKSVVAAMLAEYA
;
H
#
loop_
_chem_comp.id
_chem_comp.type
_chem_comp.name
_chem_comp.formula
BCL non-polymer 'BACTERIOCHLOROPHYLL A' 'C55 H74 Mg N4 O6'
BPH non-polymer 'BACTERIOPHEOPHYTIN A' 'C55 H76 N4 O6'
CDL non-polymer CARDIOLIPIN 'C81 H156 O17 P2 -2'
FE non-polymer 'FE (III) ION' 'Fe 3'
GOL non-polymer GLYCEROL 'C3 H8 O3'
HTO non-polymer HEPTANE-1,2,3-TRIOL 'C7 H16 O3'
K non-polymer 'POTASSIUM ION' 'K 1'
LDA non-polymer 'LAURYL DIMETHYLAMINE-N-OXIDE' 'C14 H31 N O'
PC9 non-polymer '(7R,14S)-14,15-DIBROMO-4-HYDROXY-N,N,N-TRIMETHYL-9-OXO-7-[(PALMITOYLOXY)METHYL]-3,5,8-TRIOXA-4-PHOSPHAHEXACOSAN-1-AMINIUM 4-OXIDE' 'C42 H83 Br2 N O8 P 1'
PO4 non-polymer 'PHOSPHATE ION' 'O4 P -3'
U10 non-polymer UBIQUINONE-10 'C59 H90 O4'
#
# COMPACT_ATOMS: atom_id res chain seq x y z
N ALA A 1 26.92 8.81 -9.31
CA ALA A 1 26.11 9.40 -10.42
C ALA A 1 24.77 9.94 -9.89
N LEU A 2 24.16 10.89 -10.60
CA LEU A 2 22.92 11.50 -10.16
C LEU A 2 21.83 11.32 -11.19
N LEU A 3 20.61 11.13 -10.72
CA LEU A 3 19.48 11.26 -11.62
C LEU A 3 19.51 12.67 -12.26
N SER A 4 18.98 12.79 -13.46
CA SER A 4 19.03 14.06 -14.22
C SER A 4 18.52 15.29 -13.42
N PHE A 5 17.57 15.09 -12.51
CA PHE A 5 16.96 16.18 -11.76
C PHE A 5 17.44 16.29 -10.29
N GLU A 6 18.43 15.50 -9.92
CA GLU A 6 18.73 15.35 -8.51
C GLU A 6 19.53 16.49 -7.82
N ARG A 7 20.41 17.17 -8.57
CA ARG A 7 21.45 18.02 -7.93
C ARG A 7 20.82 19.09 -7.06
N LYS A 8 19.76 19.70 -7.60
CA LYS A 8 19.08 20.79 -6.92
C LYS A 8 18.60 20.41 -5.53
N TYR A 9 18.45 19.12 -5.26
CA TYR A 9 17.99 18.72 -3.95
C TYR A 9 19.15 18.38 -3.03
N ARG A 10 20.37 18.21 -3.57
CA ARG A 10 21.50 17.73 -2.78
C ARG A 10 22.19 18.89 -2.08
N VAL A 11 21.43 19.53 -1.20
CA VAL A 11 21.87 20.70 -0.46
C VAL A 11 22.25 20.20 0.91
N PRO A 12 23.03 20.99 1.66
CA PRO A 12 23.35 20.68 3.07
C PRO A 12 22.11 20.83 3.96
N GLY A 13 22.04 20.04 5.03
CA GLY A 13 21.04 20.28 6.05
C GLY A 13 20.11 19.13 6.30
N GLY A 14 19.44 19.18 7.44
CA GLY A 14 18.43 18.19 7.82
C GLY A 14 18.89 17.18 8.85
N THR A 15 20.18 17.13 9.13
CA THR A 15 20.71 16.02 9.92
C THR A 15 20.16 16.16 11.34
N LEU A 16 20.03 15.08 12.07
CA LEU A 16 19.56 15.14 13.46
C LEU A 16 20.71 15.15 14.44
N VAL A 17 21.81 14.48 14.09
CA VAL A 17 23.01 14.38 14.87
C VAL A 17 24.21 14.61 13.97
N GLY A 18 25.16 15.39 14.46
CA GLY A 18 26.51 15.43 13.89
C GLY A 18 26.72 16.61 12.99
N GLY A 19 25.73 17.49 12.93
CA GLY A 19 25.74 18.59 12.00
C GLY A 19 26.19 18.15 10.61
N ASN A 20 27.30 18.68 10.15
CA ASN A 20 27.65 18.51 8.76
C ASN A 20 28.66 17.36 8.55
N LEU A 21 28.91 16.62 9.63
CA LEU A 21 30.02 15.69 9.67
C LEU A 21 29.77 14.52 8.75
N PHE A 22 28.53 14.07 8.64
CA PHE A 22 28.21 12.88 7.83
C PHE A 22 27.21 13.24 6.72
N ASP A 23 27.19 14.52 6.35
CA ASP A 23 26.19 15.06 5.44
C ASP A 23 26.80 14.94 4.06
N PHE A 24 26.78 13.72 3.55
CA PHE A 24 27.24 13.44 2.21
C PHE A 24 26.63 12.13 1.71
N TRP A 25 26.88 11.78 0.43
CA TRP A 25 26.37 10.55 -0.15
C TRP A 25 27.54 9.63 -0.56
N VAL A 26 27.27 8.33 -0.67
CA VAL A 26 28.12 7.36 -1.38
C VAL A 26 27.35 6.80 -2.60
N GLY A 27 27.68 7.28 -3.80
CA GLY A 27 26.88 6.91 -4.97
C GLY A 27 25.48 7.46 -4.74
N PRO A 28 24.43 6.62 -4.86
CA PRO A 28 23.07 7.12 -4.64
C PRO A 28 22.71 7.26 -3.17
N PHE A 29 23.44 6.59 -2.29
CA PHE A 29 23.00 6.48 -0.90
C PHE A 29 23.37 7.72 -0.09
N TYR A 30 22.34 8.32 0.52
CA TYR A 30 22.61 9.25 1.62
C TYR A 30 23.21 8.50 2.81
N VAL A 31 24.25 9.09 3.40
CA VAL A 31 24.88 8.52 4.57
C VAL A 31 24.24 9.07 5.86
N GLY A 32 24.79 10.16 6.38
CA GLY A 32 24.34 10.70 7.65
C GLY A 32 24.84 9.91 8.85
N PHE A 33 24.63 10.43 10.07
CA PHE A 33 25.07 9.74 11.29
C PHE A 33 24.43 8.36 11.37
N PHE A 34 23.15 8.31 11.05
CA PHE A 34 22.40 7.06 11.03
C PHE A 34 22.77 6.08 9.90
N GLY A 35 23.32 6.55 8.78
CA GLY A 35 24.00 5.68 7.83
C GLY A 35 25.19 4.95 8.44
N VAL A 36 25.99 5.69 9.21
CA VAL A 36 27.17 5.10 9.86
C VAL A 36 26.71 4.17 10.98
N ALA A 37 25.66 4.54 11.72
CA ALA A 37 25.17 3.70 12.81
C ALA A 37 24.64 2.41 12.18
N THR A 38 23.85 2.55 11.10
CA THR A 38 23.30 1.38 10.41
C THR A 38 24.40 0.45 9.93
N PHE A 39 25.40 0.98 9.26
CA PHE A 39 26.46 0.13 8.73
C PHE A 39 27.12 -0.67 9.87
N PHE A 40 27.42 0.03 10.95
CA PHE A 40 28.09 -0.60 12.05
C PHE A 40 27.20 -1.70 12.66
N PHE A 41 25.93 -1.42 12.93
CA PHE A 41 25.10 -2.47 13.50
C PHE A 41 24.93 -3.66 12.54
N ALA A 42 24.70 -3.39 11.24
CA ALA A 42 24.52 -4.47 10.23
C ALA A 42 25.78 -5.28 10.07
N ALA A 43 26.91 -4.61 9.89
CA ALA A 43 28.19 -5.29 9.70
C ALA A 43 28.46 -6.20 10.88
N LEU A 44 28.31 -5.67 12.08
CA LEU A 44 28.49 -6.46 13.30
C LEU A 44 27.51 -7.65 13.36
N GLY A 45 26.27 -7.38 13.07
CA GLY A 45 25.33 -8.44 12.95
C GLY A 45 25.72 -9.58 12.03
N ILE A 46 26.17 -9.25 10.83
CA ILE A 46 26.47 -10.24 9.82
C ILE A 46 27.73 -11.07 10.23
N ILE A 47 28.75 -10.39 10.72
CA ILE A 47 29.95 -11.03 11.19
C ILE A 47 29.58 -12.02 12.26
N LEU A 48 28.63 -11.65 13.11
CA LEU A 48 28.29 -12.51 14.23
C LEU A 48 27.46 -13.70 13.76
N ILE A 49 26.59 -13.46 12.78
CA ILE A 49 25.88 -14.54 12.10
C ILE A 49 26.89 -15.49 11.46
N ALA A 50 27.84 -14.94 10.70
CA ALA A 50 28.92 -15.73 10.07
C ALA A 50 29.70 -16.58 11.10
N TRP A 51 29.87 -16.03 12.29
CA TRP A 51 30.59 -16.71 13.32
C TRP A 51 29.68 -17.76 13.94
N SER A 52 28.43 -17.41 14.13
CA SER A 52 27.48 -18.43 14.53
C SER A 52 27.49 -19.63 13.56
N ALA A 53 27.64 -19.37 12.26
CA ALA A 53 27.70 -20.44 11.26
C ALA A 53 28.92 -21.30 11.57
N VAL A 54 30.09 -20.70 11.58
CA VAL A 54 31.31 -21.45 11.94
C VAL A 54 31.12 -22.44 13.13
N LEU A 55 30.43 -22.01 14.19
CA LEU A 55 30.25 -22.80 15.44
C LEU A 55 29.10 -23.82 15.38
N GLN A 56 28.11 -23.53 14.53
CA GLN A 56 27.12 -24.54 14.12
C GLN A 56 27.81 -25.62 13.27
N GLY A 57 28.77 -25.16 12.42
CA GLY A 57 29.57 -25.98 11.50
C GLY A 57 29.02 -26.09 10.10
N THR A 58 28.35 -25.06 9.65
CA THR A 58 27.83 -24.99 8.29
C THR A 58 28.08 -23.59 7.67
N TRP A 59 28.14 -23.54 6.32
CA TRP A 59 28.18 -22.30 5.51
C TRP A 59 27.03 -22.23 4.51
N ASN A 60 26.09 -23.17 4.57
CA ASN A 60 24.95 -23.16 3.67
C ASN A 60 23.80 -22.26 4.20
N PRO A 61 23.32 -21.34 3.35
CA PRO A 61 22.30 -20.40 3.83
C PRO A 61 20.92 -21.00 4.10
N GLN A 62 20.64 -22.16 3.52
CA GLN A 62 19.45 -22.94 3.87
C GLN A 62 19.62 -23.75 5.18
N LEU A 63 20.83 -23.75 5.73
CA LEU A 63 21.10 -24.44 7.00
C LEU A 63 21.53 -23.54 8.15
N ILE A 64 22.12 -22.39 7.89
CA ILE A 64 22.61 -21.53 8.99
C ILE A 64 21.41 -21.12 9.86
N SER A 65 21.46 -21.36 11.17
CA SER A 65 20.37 -20.96 12.05
C SER A 65 20.97 -20.46 13.35
N VAL A 66 20.54 -19.32 13.89
CA VAL A 66 21.03 -18.85 15.20
C VAL A 66 19.90 -18.94 16.20
N TYR A 67 20.00 -19.81 17.19
CA TYR A 67 18.87 -19.97 18.08
C TYR A 67 19.07 -19.17 19.36
N PRO A 68 17.95 -18.59 19.84
CA PRO A 68 17.94 -18.00 21.15
C PRO A 68 18.36 -18.95 22.18
N PRO A 69 18.79 -18.43 23.34
CA PRO A 69 19.09 -19.33 24.46
C PRO A 69 17.89 -20.17 24.86
N ALA A 70 18.15 -21.31 25.42
CA ALA A 70 17.10 -22.22 25.85
C ALA A 70 16.31 -21.68 27.03
N LEU A 71 15.02 -22.04 27.08
CA LEU A 71 14.11 -21.62 28.17
C LEU A 71 14.71 -21.63 29.55
N GLU A 72 15.59 -22.60 29.81
N GLU A 72 15.62 -22.56 29.79
CA GLU A 72 16.32 -22.73 31.09
CA GLU A 72 16.24 -22.70 31.11
C GLU A 72 17.12 -21.46 31.48
C GLU A 72 17.02 -21.42 31.47
N TYR A 73 17.62 -20.74 30.48
CA TYR A 73 18.36 -19.48 30.73
C TYR A 73 17.52 -18.30 31.20
N GLY A 74 16.20 -18.39 31.09
CA GLY A 74 15.32 -17.27 31.45
C GLY A 74 15.53 -16.01 30.63
N LEU A 75 15.56 -14.87 31.32
CA LEU A 75 15.81 -13.58 30.68
C LEU A 75 17.25 -13.12 30.95
N GLY A 76 18.09 -14.03 31.44
CA GLY A 76 19.51 -13.76 31.56
C GLY A 76 20.27 -13.94 30.26
N GLY A 77 21.60 -13.79 30.34
CA GLY A 77 22.48 -13.97 29.18
C GLY A 77 22.90 -15.43 29.11
N ALA A 78 23.40 -15.84 27.96
CA ALA A 78 23.85 -17.20 27.78
C ALA A 78 25.22 -17.16 27.07
N PRO A 79 26.02 -18.25 27.19
CA PRO A 79 27.26 -18.41 26.38
C PRO A 79 27.01 -18.14 24.86
N LEU A 80 28.01 -17.57 24.19
CA LEU A 80 27.84 -17.17 22.82
C LEU A 80 27.39 -18.37 21.98
N ALA A 81 28.04 -19.51 22.14
CA ALA A 81 27.72 -20.75 21.40
C ALA A 81 26.28 -21.22 21.64
N LYS A 82 25.69 -20.77 22.75
CA LYS A 82 24.47 -21.35 23.30
C LYS A 82 23.40 -20.31 23.50
N GLY A 83 23.23 -19.41 22.57
CA GLY A 83 22.19 -18.37 22.68
C GLY A 83 22.65 -16.90 22.75
N GLY A 84 23.83 -16.68 23.32
CA GLY A 84 24.41 -15.34 23.46
C GLY A 84 24.53 -14.61 22.14
N LEU A 85 25.03 -15.31 21.12
CA LEU A 85 25.13 -14.71 19.82
C LEU A 85 23.76 -14.22 19.36
N TRP A 86 22.71 -14.99 19.62
CA TRP A 86 21.37 -14.58 19.22
C TRP A 86 21.04 -13.26 19.86
N GLN A 87 21.40 -13.16 21.14
CA GLN A 87 21.06 -12.00 21.95
C GLN A 87 21.79 -10.78 21.37
N ILE A 88 23.08 -10.95 21.03
CA ILE A 88 23.87 -9.83 20.49
C ILE A 88 23.39 -9.47 19.11
N ILE A 89 23.14 -10.49 18.30
CA ILE A 89 22.62 -10.26 16.95
C ILE A 89 21.24 -9.54 17.01
N THR A 90 20.47 -9.78 18.06
CA THR A 90 19.17 -9.15 18.18
C THR A 90 19.33 -7.67 18.50
N ILE A 91 20.32 -7.33 19.35
CA ILE A 91 20.62 -5.92 19.66
C ILE A 91 21.09 -5.23 18.37
N CYS A 92 21.96 -5.90 17.60
CA CYS A 92 22.42 -5.30 16.34
C CYS A 92 21.25 -5.12 15.40
N ALA A 93 20.39 -6.13 15.28
CA ALA A 93 19.20 -6.02 14.42
C ALA A 93 18.36 -4.74 14.72
N THR A 94 17.94 -4.64 15.98
CA THR A 94 17.19 -3.52 16.53
C THR A 94 17.88 -2.19 16.31
N GLY A 95 19.16 -2.15 16.65
CA GLY A 95 20.06 -1.04 16.33
C GLY A 95 20.03 -0.65 14.86
N ALA A 96 20.11 -1.64 13.98
CA ALA A 96 20.12 -1.38 12.55
C ALA A 96 18.77 -0.91 12.05
N PHE A 97 17.69 -1.48 12.57
CA PHE A 97 16.37 -1.12 12.05
C PHE A 97 16.08 0.30 12.47
N VAL A 98 16.28 0.61 13.75
CA VAL A 98 15.96 1.91 14.29
C VAL A 98 16.80 2.96 13.64
N SER A 99 18.11 2.71 13.53
CA SER A 99 19.01 3.59 12.77
C SER A 99 18.50 3.81 11.34
N TRP A 100 17.97 2.77 10.70
CA TRP A 100 17.48 2.95 9.32
C TRP A 100 16.27 3.93 9.32
N ALA A 101 15.42 3.84 10.35
CA ALA A 101 14.24 4.67 10.46
C ALA A 101 14.72 6.12 10.60
N LEU A 102 15.70 6.33 11.50
CA LEU A 102 16.12 7.68 11.83
C LEU A 102 16.84 8.26 10.60
N ARG A 103 17.62 7.45 9.90
CA ARG A 103 18.24 7.90 8.65
C ARG A 103 17.16 8.37 7.69
N GLU A 104 16.08 7.62 7.62
CA GLU A 104 14.98 7.97 6.80
C GLU A 104 14.36 9.36 7.19
N VAL A 105 14.28 9.62 8.49
CA VAL A 105 13.79 10.88 9.02
C VAL A 105 14.68 12.02 8.51
N GLU A 106 16.00 11.76 8.53
CA GLU A 106 16.97 12.76 8.02
C GLU A 106 16.77 13.00 6.54
N ILE A 107 16.65 11.95 5.77
CA ILE A 107 16.37 12.12 4.33
C ILE A 107 15.09 12.95 4.10
N CYS A 108 14.06 12.73 4.93
CA CYS A 108 12.81 13.46 4.86
C CYS A 108 13.03 14.93 5.10
N ARG A 109 13.79 15.25 6.13
CA ARG A 109 14.08 16.64 6.46
C ARG A 109 14.84 17.38 5.37
N LYS A 110 15.82 16.71 4.77
CA LYS A 110 16.57 17.30 3.69
C LYS A 110 15.67 17.53 2.47
N LEU A 111 14.72 16.62 2.24
CA LEU A 111 13.88 16.71 1.05
C LEU A 111 12.59 17.56 1.21
N GLY A 112 12.36 18.07 2.42
CA GLY A 112 11.14 18.77 2.77
C GLY A 112 9.80 18.04 2.66
N ILE A 113 9.83 16.72 2.84
CA ILE A 113 8.61 15.93 2.72
C ILE A 113 8.10 15.51 4.11
N GLY A 114 6.91 14.93 4.23
CA GLY A 114 6.43 14.41 5.51
C GLY A 114 7.17 13.15 5.98
N TYR A 115 6.97 12.88 7.27
CA TYR A 115 7.60 11.72 7.91
C TYR A 115 6.80 10.44 7.83
N HIS A 116 5.96 10.27 6.83
CA HIS A 116 5.04 9.09 6.83
C HIS A 116 5.78 7.77 6.63
N ILE A 117 6.78 7.72 5.76
CA ILE A 117 7.51 6.47 5.50
C ILE A 117 8.14 5.85 6.77
N PRO A 118 9.04 6.57 7.43
CA PRO A 118 9.62 6.02 8.67
C PRO A 118 8.63 5.74 9.79
N PHE A 119 7.58 6.50 9.88
CA PHE A 119 6.52 6.16 10.79
C PHE A 119 5.87 4.80 10.47
N ALA A 120 5.63 4.56 9.18
CA ALA A 120 5.12 3.28 8.67
C ALA A 120 6.16 2.19 9.00
N PHE A 121 7.42 2.51 8.73
CA PHE A 121 8.42 1.53 8.93
C PHE A 121 8.38 1.15 10.43
N ALA A 122 8.15 2.13 11.31
CA ALA A 122 8.14 1.85 12.76
C ALA A 122 7.19 0.70 13.06
N PHE A 123 6.10 0.59 12.32
CA PHE A 123 5.19 -0.51 12.59
C PHE A 123 5.88 -1.89 12.36
N ALA A 124 6.64 -2.02 11.30
CA ALA A 124 7.33 -3.28 11.08
C ALA A 124 8.28 -3.60 12.25
N ILE A 125 9.09 -2.62 12.59
CA ILE A 125 9.98 -2.74 13.70
C ILE A 125 9.20 -3.18 14.92
N LEU A 126 8.01 -2.68 15.18
CA LEU A 126 7.32 -3.08 16.41
C LEU A 126 6.87 -4.57 16.40
N ALA A 127 6.48 -5.06 15.21
CA ALA A 127 6.12 -6.44 15.00
C ALA A 127 7.34 -7.32 15.34
N TYR A 128 8.48 -6.99 14.73
CA TYR A 128 9.74 -7.61 15.08
C TYR A 128 9.95 -7.60 16.60
N LEU A 129 9.76 -6.46 17.26
CA LEU A 129 10.14 -6.39 18.67
C LEU A 129 9.15 -7.15 19.57
N THR A 130 7.90 -7.21 19.14
CA THR A 130 6.95 -8.10 19.79
C THR A 130 7.49 -9.55 19.80
N LEU A 131 7.93 -10.02 18.64
CA LEU A 131 8.34 -11.40 18.55
C LEU A 131 9.62 -11.71 19.35
N VAL A 132 10.58 -10.81 19.26
CA VAL A 132 11.89 -11.06 19.83
C VAL A 132 12.10 -10.40 21.16
N LEU A 133 11.25 -9.44 21.54
CA LEU A 133 11.51 -8.69 22.79
C LEU A 133 10.33 -8.61 23.74
N PHE A 134 9.18 -8.06 23.32
CA PHE A 134 8.05 -7.85 24.27
C PHE A 134 7.40 -9.15 24.74
N ARG A 135 7.19 -10.06 23.81
CA ARG A 135 6.52 -11.31 24.17
C ARG A 135 7.46 -12.18 25.00
N PRO A 136 8.69 -12.40 24.53
CA PRO A 136 9.61 -13.16 25.38
C PRO A 136 9.77 -12.59 26.78
N VAL A 137 9.89 -11.26 26.90
CA VAL A 137 10.04 -10.66 28.23
C VAL A 137 8.79 -10.90 29.05
N MET A 138 7.61 -10.78 28.44
CA MET A 138 6.37 -11.05 29.17
C MET A 138 6.19 -12.52 29.50
N MET A 139 6.68 -13.41 28.65
CA MET A 139 6.61 -14.85 28.96
C MET A 139 7.75 -15.36 29.86
N GLY A 140 8.81 -14.56 30.04
CA GLY A 140 9.92 -14.89 30.97
C GLY A 140 11.16 -15.59 30.40
N ALA A 141 11.30 -15.67 29.08
CA ALA A 141 12.44 -16.38 28.54
C ALA A 141 12.69 -15.98 27.12
N TRP A 142 13.95 -15.73 26.78
CA TRP A 142 14.35 -15.43 25.41
C TRP A 142 14.10 -16.59 24.47
N GLY A 143 14.08 -17.81 25.00
CA GLY A 143 13.77 -19.01 24.24
C GLY A 143 12.44 -19.02 23.51
N TYR A 144 11.50 -18.12 23.86
CA TYR A 144 10.23 -18.00 23.13
C TYR A 144 10.32 -17.18 21.83
N ALA A 145 11.48 -16.58 21.61
CA ALA A 145 11.70 -15.80 20.39
C ALA A 145 11.97 -16.78 19.25
N PHE A 146 11.79 -16.33 18.03
CA PHE A 146 12.13 -17.15 16.89
C PHE A 146 13.60 -17.12 16.60
N PRO A 147 14.12 -18.21 16.02
CA PRO A 147 15.51 -18.31 15.69
C PRO A 147 15.74 -17.68 14.34
N TYR A 148 16.98 -17.31 14.04
CA TYR A 148 17.27 -16.70 12.70
C TYR A 148 17.77 -17.76 11.76
N GLY A 149 16.88 -18.17 10.89
CA GLY A 149 17.20 -19.18 9.90
C GLY A 149 16.05 -19.34 8.91
N ILE A 150 16.42 -19.52 7.64
CA ILE A 150 15.46 -19.39 6.56
C ILE A 150 14.33 -20.35 6.82
N TRP A 151 14.66 -21.60 7.11
CA TRP A 151 13.61 -22.59 7.34
C TRP A 151 13.29 -22.82 8.79
N THR A 152 14.26 -22.58 9.66
CA THR A 152 14.05 -22.90 11.06
C THR A 152 13.04 -21.95 11.68
N HIS A 153 12.96 -20.74 11.16
CA HIS A 153 11.98 -19.82 11.69
C HIS A 153 10.58 -20.22 11.29
N LEU A 154 10.47 -20.87 10.14
CA LEU A 154 9.19 -21.45 9.67
C LEU A 154 8.77 -22.61 10.58
N ASP A 155 9.73 -23.41 11.01
CA ASP A 155 9.44 -24.40 12.00
C ASP A 155 8.88 -23.79 13.29
N TRP A 156 9.38 -22.61 13.68
CA TRP A 156 8.95 -21.92 14.89
C TRP A 156 7.53 -21.41 14.75
N VAL A 157 7.24 -20.92 13.56
CA VAL A 157 5.91 -20.41 13.36
C VAL A 157 4.93 -21.58 13.57
N SER A 158 5.24 -22.70 12.93
CA SER A 158 4.34 -23.80 12.97
C SER A 158 4.28 -24.40 14.38
N ASN A 159 5.40 -24.60 15.05
CA ASN A 159 5.31 -25.09 16.42
C ASN A 159 4.57 -24.15 17.35
N THR A 160 4.85 -22.84 17.21
CA THR A 160 4.24 -21.85 18.09
C THR A 160 2.73 -21.88 17.88
N GLY A 161 2.31 -21.93 16.64
CA GLY A 161 0.87 -21.91 16.39
C GLY A 161 0.17 -23.15 16.94
N TYR A 162 0.75 -24.30 16.66
CA TYR A 162 0.09 -25.55 17.06
C TYR A 162 0.17 -25.77 18.55
N THR A 163 1.00 -25.00 19.26
CA THR A 163 0.89 -24.95 20.71
C THR A 163 -0.51 -24.56 21.21
N TYR A 164 -1.22 -23.75 20.41
CA TYR A 164 -2.52 -23.25 20.75
C TYR A 164 -3.60 -23.84 19.84
N GLY A 165 -3.38 -25.07 19.40
CA GLY A 165 -4.31 -25.68 18.45
C GLY A 165 -4.16 -25.13 17.01
N ASN A 166 -5.26 -25.07 16.29
CA ASN A 166 -5.26 -24.38 15.01
C ASN A 166 -5.29 -22.87 15.27
N PHE A 167 -4.23 -22.15 14.90
CA PHE A 167 -4.09 -20.75 15.24
C PHE A 167 -5.13 -19.85 14.57
N HIS A 168 -5.74 -20.34 13.51
CA HIS A 168 -6.81 -19.67 12.85
C HIS A 168 -7.85 -19.13 13.81
N TYR A 169 -8.03 -19.81 14.94
CA TYR A 169 -9.09 -19.44 15.87
C TYR A 169 -8.75 -18.25 16.76
N ASN A 170 -7.50 -17.79 16.72
CA ASN A 170 -7.12 -16.56 17.41
C ASN A 170 -7.81 -15.35 16.74
N PRO A 171 -8.68 -14.65 17.45
CA PRO A 171 -9.49 -13.62 16.79
C PRO A 171 -8.74 -12.36 16.31
N ALA A 172 -7.70 -11.93 17.01
CA ALA A 172 -6.91 -10.80 16.56
C ALA A 172 -6.24 -11.23 15.26
N HIS A 173 -5.93 -12.52 15.15
CA HIS A 173 -5.22 -13.10 14.01
C HIS A 173 -6.16 -13.11 12.81
N MET A 174 -7.44 -13.37 13.03
CA MET A 174 -8.42 -13.27 11.93
C MET A 174 -8.51 -11.86 11.40
N ILE A 175 -8.49 -10.89 12.30
CA ILE A 175 -8.55 -9.48 11.86
C ILE A 175 -7.28 -9.16 11.08
N ALA A 176 -6.12 -9.57 11.60
CA ALA A 176 -4.85 -9.36 10.93
C ALA A 176 -4.92 -9.89 9.45
N ILE A 177 -5.34 -11.15 9.30
CA ILE A 177 -5.42 -11.80 7.98
C ILE A 177 -6.36 -11.00 7.08
N SER A 178 -7.50 -10.59 7.58
CA SER A 178 -8.42 -9.78 6.75
C SER A 178 -7.78 -8.51 6.21
N PHE A 179 -7.07 -7.79 7.07
CA PHE A 179 -6.31 -6.63 6.67
C PHE A 179 -5.27 -7.01 5.62
N PHE A 180 -4.49 -8.05 5.79
CA PHE A 180 -3.54 -8.47 4.76
C PHE A 180 -4.20 -8.78 3.41
N PHE A 181 -5.35 -9.43 3.43
CA PHE A 181 -5.97 -9.81 2.20
C PHE A 181 -6.58 -8.58 1.56
N THR A 182 -7.24 -7.77 2.35
CA THR A 182 -7.85 -6.57 1.79
C THR A 182 -6.77 -5.62 1.20
N ASN A 183 -5.61 -5.56 1.87
CA ASN A 183 -4.55 -4.73 1.40
C ASN A 183 -4.15 -5.15 0.02
N ALA A 184 -3.90 -6.45 -0.14
CA ALA A 184 -3.50 -7.04 -1.42
C ALA A 184 -4.56 -6.75 -2.47
N LEU A 185 -5.83 -6.92 -2.10
CA LEU A 185 -6.94 -6.50 -2.99
C LEU A 185 -6.80 -5.04 -3.45
N ALA A 186 -6.66 -4.16 -2.46
CA ALA A 186 -6.47 -2.72 -2.64
C ALA A 186 -5.29 -2.39 -3.59
N LEU A 187 -4.15 -3.08 -3.40
CA LEU A 187 -2.97 -2.82 -4.19
C LEU A 187 -3.21 -3.23 -5.63
N ALA A 188 -3.82 -4.41 -5.85
CA ALA A 188 -4.16 -4.87 -7.21
C ALA A 188 -4.97 -3.80 -7.86
N LEU A 189 -6.05 -3.40 -7.19
CA LEU A 189 -7.04 -2.50 -7.80
C LEU A 189 -6.38 -1.15 -8.11
N HIS A 190 -5.58 -0.62 -7.16
CA HIS A 190 -5.01 0.71 -7.30
C HIS A 190 -4.02 0.73 -8.43
N GLY A 191 -3.12 -0.22 -8.45
CA GLY A 191 -2.18 -0.34 -9.57
C GLY A 191 -2.89 -0.46 -10.90
N ALA A 192 -3.89 -1.32 -10.92
CA ALA A 192 -4.59 -1.60 -12.14
C ALA A 192 -5.30 -0.32 -12.56
N LEU A 193 -5.80 0.48 -11.60
CA LEU A 193 -6.68 1.56 -12.01
C LEU A 193 -5.83 2.68 -12.63
N VAL A 194 -4.77 3.09 -11.94
CA VAL A 194 -3.91 4.11 -12.44
C VAL A 194 -3.33 3.74 -13.84
N LEU A 195 -2.94 2.49 -14.02
CA LEU A 195 -2.37 2.04 -15.27
C LEU A 195 -3.42 1.98 -16.35
N SER A 196 -4.63 1.60 -15.98
CA SER A 196 -5.74 1.54 -16.95
C SER A 196 -6.07 2.95 -17.47
N ALA A 197 -5.78 3.95 -16.64
CA ALA A 197 -6.01 5.31 -17.07
C ALA A 197 -4.77 5.85 -17.83
N ALA A 198 -3.57 5.49 -17.38
CA ALA A 198 -2.34 6.02 -18.03
C ALA A 198 -2.09 5.35 -19.37
N ASN A 199 -2.69 4.18 -19.55
CA ASN A 199 -2.45 3.28 -20.68
C ASN A 199 -3.81 2.82 -21.22
N PRO A 200 -4.49 3.72 -21.86
CA PRO A 200 -5.86 3.43 -22.25
C PRO A 200 -5.82 2.59 -23.51
N GLU A 201 -6.98 2.31 -24.11
CA GLU A 201 -7.01 1.51 -25.34
C GLU A 201 -6.21 2.15 -26.43
N LYS A 202 -5.79 1.30 -27.35
CA LYS A 202 -4.79 1.67 -28.36
C LYS A 202 -5.21 2.79 -29.23
N GLY A 203 -4.47 3.88 -29.16
CA GLY A 203 -4.76 5.07 -29.98
C GLY A 203 -5.43 6.21 -29.24
N LYS A 204 -5.97 5.93 -28.06
CA LYS A 204 -6.78 6.89 -27.33
C LYS A 204 -5.92 7.78 -26.43
N GLU A 205 -6.53 8.85 -25.94
CA GLU A 205 -5.81 9.78 -25.09
C GLU A 205 -5.77 9.22 -23.71
N MET A 206 -4.74 9.62 -22.97
CA MET A 206 -4.70 9.30 -21.56
C MET A 206 -6.06 9.68 -20.92
N ARG A 207 -6.60 8.79 -20.09
CA ARG A 207 -7.74 9.14 -19.22
C ARG A 207 -7.32 10.00 -18.01
N THR A 208 -8.31 10.41 -17.23
CA THR A 208 -8.20 11.43 -16.18
C THR A 208 -8.67 10.81 -14.87
N PRO A 209 -8.32 11.44 -13.74
CA PRO A 209 -8.88 10.91 -12.50
C PRO A 209 -10.39 10.85 -12.53
N ASP A 210 -11.05 11.74 -13.25
CA ASP A 210 -12.49 11.66 -13.38
C ASP A 210 -12.92 10.28 -13.92
N HIS A 211 -12.20 9.79 -14.93
CA HIS A 211 -12.42 8.45 -15.45
C HIS A 211 -12.21 7.35 -14.41
N GLU A 212 -11.26 7.57 -13.51
CA GLU A 212 -10.93 6.58 -12.49
C GLU A 212 -12.10 6.49 -11.51
N ASP A 213 -12.59 7.64 -11.06
CA ASP A 213 -13.79 7.73 -10.24
C ASP A 213 -14.97 7.12 -10.99
N THR A 214 -15.15 7.49 -12.25
CA THR A 214 -16.32 7.03 -12.98
C THR A 214 -16.30 5.51 -13.05
N PHE A 215 -15.10 4.94 -13.30
CA PHE A 215 -14.91 3.48 -13.38
C PHE A 215 -15.37 2.75 -12.17
N PHE A 216 -14.87 3.17 -11.03
CA PHE A 216 -15.30 2.55 -9.77
C PHE A 216 -16.77 2.75 -9.36
N ARG A 217 -17.36 3.88 -9.73
CA ARG A 217 -18.75 4.13 -9.39
C ARG A 217 -19.62 3.26 -10.28
N ASP A 218 -19.28 3.20 -11.56
CA ASP A 218 -19.98 2.32 -12.46
C ASP A 218 -19.96 0.88 -11.94
N LEU A 219 -18.80 0.45 -11.40
CA LEU A 219 -18.58 -0.92 -10.99
C LEU A 219 -19.20 -1.24 -9.63
N VAL A 220 -18.83 -0.50 -8.58
CA VAL A 220 -19.28 -0.83 -7.23
C VAL A 220 -20.18 0.20 -6.62
N GLY A 221 -20.34 1.34 -7.25
CA GLY A 221 -21.21 2.39 -6.71
C GLY A 221 -20.46 3.33 -5.78
N TYR A 222 -19.13 3.27 -5.75
CA TYR A 222 -18.41 4.16 -4.87
C TYR A 222 -16.99 4.35 -5.34
N SER A 223 -16.43 5.55 -5.19
CA SER A 223 -15.01 5.73 -5.42
C SER A 223 -14.38 6.41 -4.21
N ILE A 224 -13.30 5.86 -3.70
CA ILE A 224 -12.68 6.46 -2.51
C ILE A 224 -11.91 7.72 -2.91
N GLY A 225 -11.36 7.72 -4.13
CA GLY A 225 -10.66 8.88 -4.66
C GLY A 225 -9.15 8.77 -4.51
N THR A 226 -8.41 9.62 -5.20
CA THR A 226 -6.97 9.43 -5.33
C THR A 226 -6.25 9.79 -4.04
N LEU A 227 -6.80 10.64 -3.19
CA LEU A 227 -6.14 10.82 -1.89
C LEU A 227 -6.50 9.64 -1.01
N GLY A 228 -7.81 9.32 -1.02
CA GLY A 228 -8.35 8.24 -0.23
C GLY A 228 -7.62 6.92 -0.36
N ILE A 229 -7.38 6.52 -1.60
CA ILE A 229 -6.83 5.21 -1.84
C ILE A 229 -5.44 5.05 -1.22
N HIS A 230 -4.70 6.14 -1.13
CA HIS A 230 -3.36 6.09 -0.59
C HIS A 230 -3.45 6.18 0.94
N ARG A 231 -4.43 6.91 1.42
CA ARG A 231 -4.73 6.80 2.83
C ARG A 231 -5.12 5.35 3.18
N LEU A 232 -5.84 4.66 2.28
CA LEU A 232 -6.40 3.36 2.56
C LEU A 232 -5.28 2.34 2.57
N GLY A 233 -4.50 2.30 1.50
CA GLY A 233 -3.38 1.40 1.44
C GLY A 233 -2.53 1.50 2.70
N LEU A 234 -2.25 2.71 3.14
CA LEU A 234 -1.42 2.86 4.33
C LEU A 234 -2.14 2.28 5.53
N LEU A 235 -3.38 2.69 5.76
CA LEU A 235 -4.16 2.22 6.91
C LEU A 235 -4.31 0.66 6.91
N LEU A 236 -4.56 0.07 5.74
CA LEU A 236 -4.81 -1.35 5.64
C LEU A 236 -3.58 -2.09 6.05
N SER A 237 -2.44 -1.72 5.48
CA SER A 237 -1.23 -2.48 5.70
C SER A 237 -0.72 -2.29 7.13
N LEU A 238 -0.73 -1.04 7.59
CA LEU A 238 -0.37 -0.77 8.99
C LEU A 238 -1.31 -1.51 9.94
N SER A 239 -2.61 -1.52 9.64
CA SER A 239 -3.55 -2.26 10.49
C SER A 239 -3.22 -3.76 10.46
N ALA A 240 -2.91 -4.31 9.30
CA ALA A 240 -2.52 -5.71 9.23
C ALA A 240 -1.40 -6.00 10.24
N VAL A 241 -0.39 -5.16 10.29
CA VAL A 241 0.77 -5.42 11.16
C VAL A 241 0.40 -5.10 12.60
N PHE A 242 -0.40 -4.09 12.85
CA PHE A 242 -0.80 -3.83 14.23
C PHE A 242 -1.50 -5.03 14.87
N PHE A 243 -2.47 -5.61 14.16
CA PHE A 243 -3.20 -6.76 14.68
C PHE A 243 -2.35 -8.05 14.68
N SER A 244 -1.34 -8.11 13.83
CA SER A 244 -0.41 -9.19 13.87
C SER A 244 0.36 -9.13 15.19
N ALA A 245 0.92 -7.96 15.50
CA ALA A 245 1.59 -7.80 16.79
C ALA A 245 0.65 -8.05 17.98
N LEU A 246 -0.62 -7.65 17.85
CA LEU A 246 -1.56 -7.76 18.95
C LEU A 246 -1.88 -9.24 19.16
N CYS A 247 -2.07 -9.95 18.06
CA CYS A 247 -2.44 -11.35 18.12
C CYS A 247 -1.33 -12.22 18.72
N MET A 248 -0.09 -11.76 18.70
CA MET A 248 0.96 -12.53 19.33
C MET A 248 1.30 -12.06 20.76
N ILE A 249 1.14 -10.77 21.03
CA ILE A 249 1.39 -10.20 22.36
C ILE A 249 0.44 -10.80 23.38
N ILE A 250 -0.78 -11.11 22.94
CA ILE A 250 -1.74 -11.80 23.79
C ILE A 250 -1.53 -13.32 23.91
N THR A 251 -0.84 -13.94 22.96
CA THR A 251 -0.74 -15.40 22.93
C THR A 251 0.43 -15.86 23.80
N GLY A 252 0.14 -16.64 24.81
CA GLY A 252 1.15 -17.06 25.74
C GLY A 252 1.21 -16.25 27.00
N THR A 253 0.39 -15.21 27.07
CA THR A 253 0.42 -14.23 28.16
C THR A 253 -1.00 -14.09 28.70
N ILE A 254 -1.93 -13.41 28.01
CA ILE A 254 -3.30 -13.34 28.57
C ILE A 254 -4.13 -14.57 28.18
N TRP A 255 -3.89 -15.10 26.98
CA TRP A 255 -4.53 -16.36 26.56
C TRP A 255 -3.43 -17.34 26.20
N PHE A 256 -3.52 -18.55 26.71
CA PHE A 256 -2.46 -19.58 26.52
C PHE A 256 -3.02 -21.04 26.35
N ASP A 257 -4.33 -21.21 26.40
CA ASP A 257 -4.96 -22.47 26.10
C ASP A 257 -5.22 -22.59 24.59
N GLN A 258 -6.13 -23.47 24.19
CA GLN A 258 -6.42 -23.68 22.79
C GLN A 258 -7.33 -22.56 22.29
N TRP A 259 -6.93 -21.88 21.23
CA TRP A 259 -7.73 -20.75 20.73
C TRP A 259 -9.19 -21.10 20.36
N VAL A 260 -9.43 -22.31 19.84
CA VAL A 260 -10.79 -22.69 19.49
C VAL A 260 -11.70 -22.50 20.70
N ASP A 261 -11.21 -22.73 21.88
CA ASP A 261 -12.08 -22.76 23.04
C ASP A 261 -12.47 -21.39 23.52
N TRP A 262 -11.70 -20.41 23.09
CA TRP A 262 -11.96 -19.03 23.46
C TRP A 262 -13.37 -18.62 23.06
N TRP A 263 -13.87 -19.19 21.96
CA TRP A 263 -15.15 -18.82 21.37
C TRP A 263 -16.28 -19.35 22.17
N GLN A 264 -16.00 -20.11 23.21
CA GLN A 264 -17.08 -20.61 24.03
C GLN A 264 -17.75 -19.47 24.80
N TRP A 265 -17.07 -18.33 24.93
CA TRP A 265 -17.68 -17.23 25.70
C TRP A 265 -19.02 -16.82 25.06
N TRP A 266 -19.00 -16.68 23.73
CA TRP A 266 -20.16 -16.39 22.92
C TRP A 266 -21.20 -17.47 22.99
N VAL A 267 -20.78 -18.72 22.82
CA VAL A 267 -21.73 -19.83 22.69
C VAL A 267 -22.48 -20.05 23.98
N LYS A 268 -21.90 -19.58 25.08
CA LYS A 268 -22.43 -19.91 26.39
C LYS A 268 -23.10 -18.73 27.09
N LEU A 269 -23.09 -17.56 26.46
CA LEU A 269 -23.98 -16.47 26.88
C LEU A 269 -25.36 -17.08 27.24
N PRO A 270 -25.89 -16.74 28.44
CA PRO A 270 -26.95 -17.54 29.11
C PRO A 270 -28.31 -17.59 28.39
N TRP A 271 -28.65 -16.50 27.70
CA TRP A 271 -29.90 -16.42 26.93
C TRP A 271 -30.08 -17.50 25.85
N TRP A 272 -29.03 -17.85 25.12
CA TRP A 272 -29.10 -19.00 24.24
C TRP A 272 -28.25 -20.21 24.63
N ALA A 273 -27.40 -20.10 25.65
CA ALA A 273 -26.53 -21.23 26.04
C ALA A 273 -27.30 -22.57 26.05
N ASN A 274 -28.45 -22.63 26.69
CA ASN A 274 -29.09 -23.92 26.94
C ASN A 274 -30.23 -24.31 25.98
N ILE A 275 -30.46 -23.49 24.95
CA ILE A 275 -31.50 -23.74 23.95
C ILE A 275 -31.08 -24.95 23.11
N PRO A 276 -31.95 -25.96 22.93
CA PRO A 276 -31.47 -27.13 22.17
C PRO A 276 -31.43 -26.87 20.67
N GLY A 277 -30.98 -27.86 19.90
CA GLY A 277 -30.78 -27.69 18.45
C GLY A 277 -29.43 -27.05 18.12
N GLY A 278 -29.24 -26.73 16.84
CA GLY A 278 -27.97 -26.21 16.32
C GLY A 278 -26.79 -27.17 16.40
N ILE A 279 -25.60 -26.64 16.16
CA ILE A 279 -24.38 -27.43 16.28
C ILE A 279 -24.02 -27.69 17.74
N ASN A 280 -24.49 -26.85 18.67
CA ASN A 280 -24.04 -26.90 20.06
C ASN A 280 -25.15 -27.23 21.08
N GLY A 281 -26.01 -28.20 20.76
CA GLY A 281 -27.09 -28.58 21.71
C GLY A 281 -28.04 -29.69 21.29
N ALA B 1 1.71 20.69 16.16
CA ALA B 1 2.08 19.63 15.14
C ALA B 1 1.77 20.05 13.66
N GLU B 2 2.67 19.61 12.76
CA GLU B 2 2.30 19.47 11.33
C GLU B 2 1.00 18.59 11.28
N TYR B 3 0.15 18.97 10.33
CA TYR B 3 -1.03 18.24 9.97
C TYR B 3 -0.59 17.07 9.08
N GLN B 4 -1.16 15.88 9.24
CA GLN B 4 -0.59 14.73 8.51
C GLN B 4 -1.28 14.24 7.22
N ASN B 5 -2.46 14.77 6.93
CA ASN B 5 -3.25 14.41 5.76
C ASN B 5 -3.78 12.97 5.81
N ILE B 6 -4.02 12.46 7.03
CA ILE B 6 -4.71 11.16 7.17
C ILE B 6 -6.22 11.32 7.11
N PHE B 7 -6.73 12.32 7.81
CA PHE B 7 -8.10 12.84 7.60
C PHE B 7 -8.01 14.26 7.16
N SER B 8 -9.11 14.76 6.61
CA SER B 8 -9.19 16.09 6.00
C SER B 8 -9.62 17.09 7.04
N GLN B 9 -9.10 18.29 6.99
CA GLN B 9 -9.56 19.30 7.94
C GLN B 9 -10.91 19.95 7.62
N VAL B 10 -11.17 20.19 6.34
CA VAL B 10 -12.38 20.85 5.81
C VAL B 10 -12.87 20.09 4.57
N GLN B 11 -14.13 19.70 4.55
CA GLN B 11 -14.74 19.12 3.38
C GLN B 11 -15.44 20.21 2.59
N VAL B 12 -15.32 20.10 1.27
CA VAL B 12 -16.12 20.91 0.39
C VAL B 12 -17.03 20.00 -0.39
N ARG B 13 -18.17 20.53 -0.79
CA ARG B 13 -19.04 19.80 -1.65
C ARG B 13 -19.56 20.68 -2.78
N GLY B 14 -19.77 20.05 -3.94
CA GLY B 14 -20.39 20.70 -5.09
C GLY B 14 -21.50 19.84 -5.65
N PRO B 15 -22.00 20.17 -6.85
CA PRO B 15 -22.99 19.33 -7.50
C PRO B 15 -22.58 17.85 -7.71
N ALA B 16 -23.48 16.93 -7.40
CA ALA B 16 -23.30 15.50 -7.66
C ALA B 16 -22.55 15.29 -8.94
N ASP B 17 -21.45 14.55 -8.84
CA ASP B 17 -20.65 14.23 -9.99
C ASP B 17 -21.18 12.98 -10.68
N LEU B 18 -21.69 13.18 -11.90
CA LEU B 18 -22.36 12.12 -12.63
C LEU B 18 -21.43 11.32 -13.53
N GLY B 19 -20.16 11.65 -13.51
CA GLY B 19 -19.17 10.91 -14.25
C GLY B 19 -19.02 11.26 -15.72
N MET B 20 -17.91 10.78 -16.24
CA MET B 20 -17.56 10.80 -17.64
C MET B 20 -18.48 9.87 -18.40
N THR B 21 -18.80 10.21 -19.64
CA THR B 21 -19.81 9.49 -20.41
C THR B 21 -19.09 8.55 -21.34
N GLU B 22 -18.17 9.11 -22.14
CA GLU B 22 -17.46 8.32 -23.15
C GLU B 22 -18.49 7.44 -23.89
N ASP B 23 -18.33 6.11 -23.90
CA ASP B 23 -19.23 5.21 -24.62
C ASP B 23 -20.24 4.51 -23.73
N VAL B 24 -20.46 5.04 -22.53
CA VAL B 24 -21.26 4.30 -21.54
C VAL B 24 -22.69 4.48 -21.91
N ASN B 25 -23.47 3.43 -21.82
CA ASN B 25 -24.90 3.59 -21.97
C ASN B 25 -25.51 4.20 -20.68
N LEU B 26 -25.90 5.48 -20.77
CA LEU B 26 -26.35 6.26 -19.59
C LEU B 26 -27.70 5.79 -19.07
N ALA B 27 -28.39 4.98 -19.87
CA ALA B 27 -29.70 4.51 -19.45
C ALA B 27 -29.50 3.45 -18.35
N ASN B 28 -28.33 2.85 -18.30
CA ASN B 28 -28.04 1.89 -17.22
C ASN B 28 -27.40 2.48 -15.94
N ARG B 29 -27.21 3.80 -15.86
CA ARG B 29 -26.70 4.41 -14.62
C ARG B 29 -27.82 4.88 -13.72
N SER B 30 -27.76 4.54 -12.45
CA SER B 30 -28.66 5.10 -11.45
C SER B 30 -28.45 6.62 -11.31
N GLY B 31 -29.17 7.21 -10.38
CA GLY B 31 -28.87 8.55 -9.91
C GLY B 31 -27.90 8.44 -8.77
N VAL B 32 -27.31 9.56 -8.38
CA VAL B 32 -26.43 9.56 -7.23
C VAL B 32 -27.17 9.18 -5.99
N GLY B 33 -26.42 8.58 -5.07
CA GLY B 33 -26.90 8.26 -3.77
C GLY B 33 -26.69 9.45 -2.89
N PRO B 34 -26.79 9.24 -1.57
CA PRO B 34 -26.55 10.29 -0.60
C PRO B 34 -25.07 10.61 -0.50
N PHE B 35 -24.77 11.72 0.16
CA PHE B 35 -23.39 12.05 0.46
C PHE B 35 -23.21 11.69 1.91
N SER B 36 -22.07 11.11 2.25
CA SER B 36 -21.71 10.76 3.62
C SER B 36 -20.55 11.63 4.11
N THR B 37 -20.86 12.58 4.96
CA THR B 37 -19.85 13.35 5.65
C THR B 37 -18.89 12.45 6.43
N LEU B 38 -19.39 11.34 6.95
CA LEU B 38 -18.51 10.45 7.65
C LEU B 38 -17.40 9.96 6.71
N LEU B 39 -17.74 9.34 5.58
CA LEU B 39 -16.73 8.92 4.60
C LEU B 39 -15.82 10.10 4.21
N GLY B 40 -16.45 11.26 4.06
CA GLY B 40 -15.79 12.48 3.64
C GLY B 40 -14.57 12.93 4.42
N TRP B 41 -14.45 12.53 5.68
CA TRP B 41 -13.20 12.76 6.39
C TRP B 41 -12.04 11.99 5.79
N PHE B 42 -12.33 10.86 5.18
CA PHE B 42 -11.23 9.96 4.78
C PHE B 42 -11.06 9.90 3.26
N GLY B 43 -12.19 9.90 2.55
CA GLY B 43 -12.25 9.75 1.11
C GLY B 43 -13.39 10.60 0.56
N ASN B 44 -13.90 10.17 -0.59
CA ASN B 44 -15.05 10.87 -1.20
C ASN B 44 -16.31 10.67 -0.36
N ALA B 45 -17.12 11.72 -0.24
CA ALA B 45 -18.41 11.71 0.42
C ALA B 45 -19.55 11.15 -0.46
N GLN B 46 -19.38 11.15 -1.77
CA GLN B 46 -20.47 10.79 -2.68
C GLN B 46 -20.62 9.28 -2.85
N LEU B 47 -21.83 8.81 -2.63
CA LEU B 47 -22.19 7.45 -2.96
C LEU B 47 -22.97 7.48 -4.29
N GLY B 48 -22.76 6.46 -5.12
CA GLY B 48 -23.32 6.40 -6.48
C GLY B 48 -22.86 7.43 -7.51
N PRO B 49 -23.41 7.38 -8.74
CA PRO B 49 -24.36 6.40 -9.20
C PRO B 49 -23.66 5.11 -9.52
N ILE B 50 -24.43 4.04 -9.68
CA ILE B 50 -23.87 2.76 -10.06
C ILE B 50 -24.40 2.45 -11.44
N TYR B 51 -23.62 1.70 -12.23
CA TYR B 51 -24.05 1.22 -13.53
C TYR B 51 -24.68 -0.11 -13.29
N LEU B 52 -25.78 -0.43 -13.91
CA LEU B 52 -26.33 -1.72 -13.66
C LEU B 52 -27.00 -2.13 -14.94
N GLY B 53 -26.29 -2.84 -15.79
CA GLY B 53 -26.91 -3.39 -17.01
C GLY B 53 -27.38 -4.82 -16.80
N SER B 54 -27.64 -5.55 -17.89
CA SER B 54 -28.02 -6.98 -17.81
C SER B 54 -27.04 -7.92 -17.06
N LEU B 55 -25.76 -7.77 -17.35
CA LEU B 55 -24.74 -8.60 -16.72
C LEU B 55 -24.65 -8.28 -15.23
N GLY B 56 -24.90 -7.03 -14.87
CA GLY B 56 -24.86 -6.64 -13.46
C GLY B 56 -26.00 -7.29 -12.69
N VAL B 57 -27.21 -7.15 -13.21
CA VAL B 57 -28.38 -7.74 -12.59
C VAL B 57 -28.21 -9.23 -12.48
N LEU B 58 -27.59 -9.85 -13.49
CA LEU B 58 -27.43 -11.28 -13.47
C LEU B 58 -26.47 -11.62 -12.36
N SER B 59 -25.33 -10.93 -12.33
CA SER B 59 -24.31 -11.16 -11.31
C SER B 59 -24.84 -11.01 -9.88
N LEU B 60 -25.52 -9.89 -9.60
CA LEU B 60 -26.08 -9.61 -8.28
C LEU B 60 -27.12 -10.64 -7.86
N PHE B 61 -27.96 -11.00 -8.81
CA PHE B 61 -29.04 -11.89 -8.53
C PHE B 61 -28.47 -13.24 -8.18
N SER B 62 -27.46 -13.63 -8.94
CA SER B 62 -26.87 -14.95 -8.80
C SER B 62 -26.14 -14.98 -7.47
N GLY B 63 -25.46 -13.89 -7.17
CA GLY B 63 -24.78 -13.72 -5.90
C GLY B 63 -25.69 -13.87 -4.70
N LEU B 64 -26.86 -13.22 -4.76
CA LEU B 64 -27.86 -13.32 -3.69
C LEU B 64 -28.38 -14.75 -3.55
N MET B 65 -28.60 -15.42 -4.68
CA MET B 65 -29.07 -16.80 -4.65
C MET B 65 -28.00 -17.72 -4.02
N TRP B 66 -26.75 -17.39 -4.25
CA TRP B 66 -25.67 -18.04 -3.55
C TRP B 66 -25.82 -17.86 -2.03
N PHE B 67 -26.00 -16.60 -1.63
N PHE B 67 -25.74 -16.58 -1.62
CA PHE B 67 -26.25 -16.25 -0.23
CA PHE B 67 -25.79 -16.19 -0.22
C PHE B 67 -27.58 -16.81 0.28
C PHE B 67 -26.95 -16.91 0.43
N PHE B 68 -28.59 -16.93 -0.57
N PHE B 68 -28.10 -16.87 -0.25
CA PHE B 68 -29.84 -17.49 -0.12
CA PHE B 68 -29.36 -17.40 0.29
C PHE B 68 -29.61 -18.96 0.19
C PHE B 68 -29.42 -18.93 0.31
N THR B 69 -28.83 -19.62 -0.67
CA THR B 69 -28.71 -21.09 -0.56
C THR B 69 -27.92 -21.48 0.70
N ILE B 70 -26.87 -20.74 0.98
CA ILE B 70 -26.10 -21.02 2.19
C ILE B 70 -26.98 -20.75 3.44
N GLY B 71 -27.68 -19.62 3.46
CA GLY B 71 -28.44 -19.18 4.64
C GLY B 71 -29.66 -20.02 4.96
N ILE B 72 -30.29 -20.58 3.92
CA ILE B 72 -31.38 -21.50 4.12
C ILE B 72 -30.85 -22.78 4.74
N TRP B 73 -29.66 -23.21 4.35
CA TRP B 73 -29.07 -24.39 4.98
C TRP B 73 -28.73 -24.07 6.43
N PHE B 74 -28.13 -22.91 6.66
CA PHE B 74 -27.80 -22.51 8.01
C PHE B 74 -29.02 -22.49 8.93
N TRP B 75 -30.10 -21.85 8.51
CA TRP B 75 -31.34 -21.80 9.29
C TRP B 75 -31.90 -23.18 9.55
N TYR B 76 -31.76 -24.05 8.56
CA TYR B 76 -32.16 -25.40 8.75
C TYR B 76 -31.26 -26.11 9.77
N GLN B 77 -29.97 -25.84 9.74
CA GLN B 77 -29.06 -26.41 10.74
C GLN B 77 -29.42 -25.89 12.13
N ALA B 78 -29.90 -24.64 12.15
CA ALA B 78 -30.36 -23.97 13.39
C ALA B 78 -31.71 -24.47 13.95
N GLY B 79 -32.37 -25.42 13.30
CA GLY B 79 -33.74 -25.79 13.70
C GLY B 79 -34.68 -24.59 13.68
N TRP B 80 -34.51 -23.74 12.68
CA TRP B 80 -35.40 -22.59 12.46
C TRP B 80 -35.46 -21.61 13.64
N ASN B 81 -34.49 -21.67 14.55
CA ASN B 81 -34.52 -20.95 15.80
C ASN B 81 -33.48 -19.83 15.76
N PRO B 82 -33.93 -18.57 15.86
CA PRO B 82 -33.01 -17.44 15.62
C PRO B 82 -31.98 -17.22 16.71
N ALA B 83 -32.29 -17.67 17.91
CA ALA B 83 -31.36 -17.68 19.03
C ALA B 83 -30.19 -18.57 18.67
N VAL B 84 -30.51 -19.82 18.31
CA VAL B 84 -29.50 -20.77 17.85
C VAL B 84 -28.74 -20.25 16.61
N PHE B 85 -29.48 -19.71 15.66
CA PHE B 85 -28.84 -19.16 14.46
C PHE B 85 -27.68 -18.23 14.80
N LEU B 86 -27.92 -17.24 15.69
CA LEU B 86 -26.87 -16.30 16.11
C LEU B 86 -25.78 -17.01 16.96
N ARG B 87 -26.20 -17.90 17.84
CA ARG B 87 -25.26 -18.58 18.72
C ARG B 87 -24.23 -19.39 17.92
N ASP B 88 -24.71 -20.16 16.96
CA ASP B 88 -23.89 -21.13 16.26
C ASP B 88 -23.52 -20.66 14.85
N LEU B 89 -23.57 -19.36 14.60
CA LEU B 89 -23.49 -18.83 13.25
C LEU B 89 -22.21 -19.27 12.56
N PHE B 90 -21.12 -19.29 13.32
CA PHE B 90 -19.80 -19.64 12.80
C PHE B 90 -19.52 -21.11 12.67
N PHE B 91 -20.38 -21.95 13.24
CA PHE B 91 -20.20 -23.41 13.23
C PHE B 91 -20.93 -24.10 12.12
N PHE B 92 -21.91 -23.42 11.54
CA PHE B 92 -22.69 -23.98 10.46
C PHE B 92 -21.82 -24.13 9.22
N SER B 93 -22.14 -25.11 8.40
CA SER B 93 -21.33 -25.41 7.24
C SER B 93 -22.20 -26.12 6.20
N LEU B 94 -22.13 -25.65 4.94
CA LEU B 94 -22.71 -26.36 3.80
C LEU B 94 -21.59 -27.10 3.09
N GLU B 95 -21.57 -28.42 3.29
CA GLU B 95 -20.46 -29.31 2.88
C GLU B 95 -20.76 -29.91 1.49
N PRO B 96 -19.71 -30.14 0.68
CA PRO B 96 -19.87 -30.78 -0.60
C PRO B 96 -20.15 -32.23 -0.46
N PRO B 97 -20.51 -32.92 -1.59
CA PRO B 97 -20.84 -34.34 -1.57
C PRO B 97 -19.71 -35.19 -1.07
N ALA B 98 -20.06 -36.38 -0.61
CA ALA B 98 -19.07 -37.34 -0.13
C ALA B 98 -18.18 -37.79 -1.33
N PRO B 99 -17.04 -38.42 -1.03
CA PRO B 99 -16.19 -38.97 -2.10
C PRO B 99 -16.89 -39.99 -3.00
N GLU B 100 -17.82 -40.73 -2.40
CA GLU B 100 -18.61 -41.78 -3.07
C GLU B 100 -19.39 -41.28 -4.30
N TYR B 101 -19.73 -39.99 -4.35
CA TYR B 101 -20.47 -39.42 -5.47
C TYR B 101 -19.55 -38.89 -6.54
N GLY B 102 -18.25 -38.98 -6.32
CA GLY B 102 -17.26 -38.48 -7.28
C GLY B 102 -17.60 -37.10 -7.81
N LEU B 103 -17.67 -36.98 -9.14
CA LEU B 103 -17.92 -35.71 -9.78
C LEU B 103 -19.38 -35.62 -10.26
N SER B 104 -20.21 -36.61 -9.96
CA SER B 104 -21.61 -36.56 -10.39
C SER B 104 -22.34 -35.44 -9.65
N PHE B 105 -23.39 -34.91 -10.30
CA PHE B 105 -24.45 -34.13 -9.62
C PHE B 105 -25.60 -35.03 -9.07
N ALA B 106 -25.34 -36.30 -8.78
CA ALA B 106 -26.40 -37.25 -8.40
C ALA B 106 -26.73 -37.32 -6.88
N ALA B 107 -26.27 -36.32 -6.10
CA ALA B 107 -26.24 -36.41 -4.60
C ALA B 107 -27.46 -35.70 -3.95
N PRO B 108 -28.02 -36.26 -2.87
CA PRO B 108 -29.21 -35.64 -2.27
C PRO B 108 -28.98 -34.20 -1.83
N LEU B 109 -29.99 -33.36 -1.95
CA LEU B 109 -29.92 -31.96 -1.52
C LEU B 109 -29.28 -31.81 -0.16
N LYS B 110 -29.78 -32.55 0.84
CA LYS B 110 -29.28 -32.43 2.21
C LYS B 110 -27.88 -33.00 2.39
N GLU B 111 -27.27 -33.55 1.33
CA GLU B 111 -25.98 -34.21 1.44
C GLU B 111 -25.07 -34.02 0.24
N GLY B 112 -25.04 -32.82 -0.33
CA GLY B 112 -24.22 -32.53 -1.49
C GLY B 112 -24.89 -31.59 -2.49
N GLY B 113 -26.14 -31.91 -2.80
CA GLY B 113 -26.85 -31.23 -3.89
C GLY B 113 -26.85 -29.75 -3.74
N LEU B 114 -27.30 -29.28 -2.56
CA LEU B 114 -27.32 -27.87 -2.17
C LEU B 114 -25.93 -27.16 -2.29
N TRP B 115 -24.86 -27.89 -2.01
CA TRP B 115 -23.56 -27.32 -2.08
C TRP B 115 -23.29 -26.97 -3.54
N LEU B 116 -23.60 -27.91 -4.43
CA LEU B 116 -23.44 -27.74 -5.87
C LEU B 116 -24.28 -26.59 -6.35
N ILE B 117 -25.53 -26.50 -5.87
CA ILE B 117 -26.39 -25.41 -6.24
C ILE B 117 -25.74 -24.08 -5.84
N ALA B 118 -25.31 -23.99 -4.59
CA ALA B 118 -24.61 -22.79 -4.15
C ALA B 118 -23.38 -22.48 -5.03
N SER B 119 -22.56 -23.49 -5.31
CA SER B 119 -21.39 -23.26 -6.16
C SER B 119 -21.79 -22.86 -7.60
N PHE B 120 -22.84 -23.48 -8.13
CA PHE B 120 -23.31 -23.06 -9.43
C PHE B 120 -23.53 -21.53 -9.43
N PHE B 121 -24.27 -21.05 -8.42
CA PHE B 121 -24.65 -19.64 -8.32
C PHE B 121 -23.44 -18.72 -8.15
N MET B 122 -22.45 -19.17 -7.41
CA MET B 122 -21.25 -18.37 -7.20
C MET B 122 -20.47 -18.23 -8.50
N PHE B 123 -20.47 -19.30 -9.27
CA PHE B 123 -19.66 -19.39 -10.48
C PHE B 123 -20.20 -18.40 -11.50
N VAL B 124 -21.51 -18.40 -11.68
CA VAL B 124 -22.18 -17.39 -12.49
C VAL B 124 -21.95 -15.95 -11.93
N ALA B 125 -21.99 -15.81 -10.61
CA ALA B 125 -21.81 -14.52 -9.97
C ALA B 125 -20.41 -13.92 -10.24
N VAL B 126 -19.37 -14.71 -9.91
CA VAL B 126 -18.00 -14.25 -10.10
C VAL B 126 -17.65 -13.96 -11.59
N TRP B 127 -17.97 -14.89 -12.48
CA TRP B 127 -17.60 -14.73 -13.88
C TRP B 127 -18.34 -13.59 -14.58
N SER B 128 -19.60 -13.38 -14.24
CA SER B 128 -20.33 -12.26 -14.84
C SER B 128 -19.80 -10.95 -14.28
N TRP B 129 -19.41 -10.95 -13.02
CA TRP B 129 -18.81 -9.77 -12.43
C TRP B 129 -17.49 -9.51 -13.12
N TRP B 130 -16.74 -10.57 -13.40
CA TRP B 130 -15.47 -10.43 -14.14
C TRP B 130 -15.76 -9.73 -15.47
N GLY B 131 -16.81 -10.18 -16.15
CA GLY B 131 -17.17 -9.57 -17.40
C GLY B 131 -17.50 -8.08 -17.22
N ARG B 132 -18.19 -7.77 -16.13
CA ARG B 132 -18.52 -6.40 -15.77
C ARG B 132 -17.25 -5.57 -15.66
N THR B 133 -16.19 -6.14 -15.07
CA THR B 133 -14.98 -5.35 -14.90
C THR B 133 -14.31 -5.03 -16.22
N TYR B 134 -14.43 -5.91 -17.20
CA TYR B 134 -13.87 -5.68 -18.53
C TYR B 134 -14.71 -4.62 -19.30
N LEU B 135 -16.03 -4.83 -19.30
CA LEU B 135 -16.94 -4.02 -20.04
C LEU B 135 -17.04 -2.56 -19.54
N ARG B 136 -17.01 -2.35 -18.22
CA ARG B 136 -16.93 -0.97 -17.68
C ARG B 136 -15.64 -0.27 -18.04
N ALA B 137 -14.53 -1.01 -18.16
CA ALA B 137 -13.28 -0.45 -18.71
C ALA B 137 -13.42 -0.07 -20.23
N GLN B 138 -14.01 -0.97 -20.99
CA GLN B 138 -14.15 -0.78 -22.42
C GLN B 138 -14.95 0.49 -22.69
N ALA B 139 -16.04 0.66 -21.93
CA ALA B 139 -16.99 1.71 -22.22
C ALA B 139 -16.37 3.07 -21.96
N LEU B 140 -15.40 3.10 -21.06
CA LEU B 140 -14.74 4.35 -20.73
C LEU B 140 -13.44 4.53 -21.54
N GLY B 141 -13.13 3.52 -22.36
CA GLY B 141 -11.93 3.55 -23.21
C GLY B 141 -10.63 3.31 -22.48
N MET B 142 -10.71 2.67 -21.32
CA MET B 142 -9.56 2.41 -20.47
C MET B 142 -8.96 1.05 -20.73
N GLY B 143 -7.74 0.87 -20.24
CA GLY B 143 -7.09 -0.45 -20.29
C GLY B 143 -7.81 -1.46 -19.44
N LYS B 144 -7.39 -2.73 -19.62
CA LYS B 144 -8.07 -3.90 -19.02
C LYS B 144 -7.30 -4.46 -17.85
N HIS B 145 -6.48 -3.60 -17.26
CA HIS B 145 -5.64 -4.03 -16.18
C HIS B 145 -6.47 -4.55 -15.02
N THR B 146 -7.57 -3.91 -14.70
CA THR B 146 -8.39 -4.40 -13.61
C THR B 146 -8.91 -5.82 -13.89
N ALA B 147 -9.48 -6.02 -15.09
CA ALA B 147 -10.01 -7.32 -15.41
C ALA B 147 -8.89 -8.34 -15.35
N TRP B 148 -7.70 -7.97 -15.80
CA TRP B 148 -6.61 -8.93 -15.76
C TRP B 148 -6.17 -9.24 -14.38
N ALA B 149 -6.11 -8.23 -13.52
CA ALA B 149 -5.73 -8.45 -12.15
C ALA B 149 -6.79 -9.29 -11.43
N PHE B 150 -8.05 -9.02 -11.70
CA PHE B 150 -9.10 -9.79 -11.01
C PHE B 150 -9.03 -11.27 -11.40
N LEU B 151 -8.62 -11.52 -12.63
CA LEU B 151 -8.45 -12.88 -13.14
C LEU B 151 -7.48 -13.72 -12.26
N SER B 152 -6.46 -13.08 -11.71
CA SER B 152 -5.54 -13.74 -10.81
C SER B 152 -6.19 -14.16 -9.52
N ALA B 153 -7.09 -13.34 -8.94
CA ALA B 153 -7.85 -13.81 -7.75
C ALA B 153 -8.77 -14.98 -8.17
N ILE B 154 -9.39 -14.89 -9.35
CA ILE B 154 -10.34 -15.89 -9.82
C ILE B 154 -9.63 -17.21 -9.94
N TRP B 155 -8.36 -17.12 -10.35
CA TRP B 155 -7.51 -18.31 -10.57
C TRP B 155 -7.43 -19.17 -9.29
N LEU B 156 -6.99 -18.57 -8.18
CA LEU B 156 -6.92 -19.28 -6.92
C LEU B 156 -8.28 -19.86 -6.54
N TRP B 157 -9.32 -19.09 -6.68
CA TRP B 157 -10.65 -19.55 -6.29
C TRP B 157 -11.14 -20.70 -7.17
N MET B 158 -10.93 -20.58 -8.49
CA MET B 158 -11.24 -21.63 -9.43
C MET B 158 -10.47 -22.92 -9.16
N VAL B 159 -9.20 -22.77 -8.82
CA VAL B 159 -8.38 -23.92 -8.49
C VAL B 159 -8.96 -24.59 -7.24
N LEU B 160 -9.17 -23.84 -6.14
CA LEU B 160 -9.63 -24.43 -4.87
C LEU B 160 -11.00 -25.13 -4.99
N GLY B 161 -11.87 -24.56 -5.82
CA GLY B 161 -13.28 -24.97 -5.86
C GLY B 161 -13.73 -25.84 -7.03
N PHE B 162 -13.03 -25.72 -8.15
N PHE B 162 -13.10 -25.64 -8.20
CA PHE B 162 -13.50 -26.33 -9.36
CA PHE B 162 -13.55 -26.22 -9.49
C PHE B 162 -12.37 -27.11 -10.05
C PHE B 162 -12.42 -27.07 -10.09
N ILE B 163 -11.30 -26.45 -10.48
CA ILE B 163 -10.22 -27.19 -11.21
C ILE B 163 -9.58 -28.33 -10.38
N ARG B 164 -9.25 -28.09 -9.14
CA ARG B 164 -8.53 -29.13 -8.40
C ARG B 164 -9.47 -30.28 -8.10
N PRO B 165 -10.69 -29.98 -7.62
CA PRO B 165 -11.61 -31.13 -7.48
C PRO B 165 -11.86 -31.93 -8.75
N ILE B 166 -11.96 -31.29 -9.92
CA ILE B 166 -12.19 -32.01 -11.19
C ILE B 166 -11.00 -32.94 -11.46
N LEU B 167 -9.78 -32.40 -11.42
CA LEU B 167 -8.57 -33.22 -11.56
C LEU B 167 -8.50 -34.32 -10.56
N MET B 168 -8.82 -34.08 -9.30
CA MET B 168 -8.82 -35.17 -8.31
C MET B 168 -10.02 -36.13 -8.43
N GLY B 169 -10.90 -35.96 -9.40
CA GLY B 169 -12.03 -36.88 -9.52
C GLY B 169 -13.21 -36.83 -8.53
N SER B 170 -13.21 -35.89 -7.59
CA SER B 170 -14.39 -35.68 -6.73
C SER B 170 -14.60 -34.26 -6.17
N TRP B 171 -15.86 -33.85 -6.14
CA TRP B 171 -16.28 -32.61 -5.46
C TRP B 171 -15.94 -32.60 -3.96
N SER B 172 -15.67 -33.76 -3.38
CA SER B 172 -15.39 -33.84 -1.96
C SER B 172 -14.11 -33.09 -1.65
N GLU B 173 -13.27 -32.90 -2.64
CA GLU B 173 -12.03 -32.14 -2.45
C GLU B 173 -12.19 -30.67 -2.33
N ALA B 174 -13.37 -30.15 -2.70
CA ALA B 174 -13.68 -28.70 -2.62
C ALA B 174 -13.91 -28.19 -1.17
N VAL B 175 -14.07 -26.88 -1.03
CA VAL B 175 -14.09 -26.22 0.27
C VAL B 175 -15.54 -26.01 0.68
N PRO B 176 -15.88 -26.24 1.96
CA PRO B 176 -17.24 -26.03 2.45
C PRO B 176 -17.57 -24.56 2.60
N TYR B 177 -18.86 -24.20 2.56
CA TYR B 177 -19.30 -22.84 2.86
C TYR B 177 -19.62 -22.79 4.38
N GLY B 178 -18.72 -22.17 5.14
CA GLY B 178 -18.89 -22.02 6.57
C GLY B 178 -17.69 -21.25 7.09
N ILE B 179 -17.85 -20.47 8.16
CA ILE B 179 -16.75 -19.65 8.63
C ILE B 179 -15.66 -20.55 9.26
N PHE B 180 -16.01 -21.22 10.34
CA PHE B 180 -15.06 -22.12 10.98
C PHE B 180 -14.73 -23.34 10.11
N SER B 181 -15.74 -23.94 9.48
CA SER B 181 -15.49 -25.10 8.62
C SER B 181 -14.46 -24.83 7.53
N HIS B 182 -14.40 -23.63 6.98
CA HIS B 182 -13.40 -23.42 5.93
C HIS B 182 -11.98 -23.19 6.43
N LEU B 183 -11.87 -22.72 7.67
CA LEU B 183 -10.59 -22.60 8.36
C LEU B 183 -10.05 -24.00 8.66
N ASP B 184 -10.91 -24.84 9.23
CA ASP B 184 -10.61 -26.28 9.45
C ASP B 184 -10.12 -26.94 8.17
N TRP B 185 -10.85 -26.75 7.06
CA TRP B 185 -10.41 -27.24 5.74
C TRP B 185 -8.99 -26.78 5.42
N THR B 186 -8.70 -25.50 5.59
CA THR B 186 -7.36 -24.99 5.30
C THR B 186 -6.23 -25.69 6.10
N ASN B 187 -6.49 -25.93 7.37
CA ASN B 187 -5.52 -26.53 8.24
C ASN B 187 -5.31 -27.99 7.84
N ASN B 188 -6.41 -28.70 7.66
CA ASN B 188 -6.39 -30.08 7.20
C ASN B 188 -5.60 -30.23 5.90
N PHE B 189 -5.93 -29.41 4.94
CA PHE B 189 -5.27 -29.47 3.68
C PHE B 189 -3.71 -29.51 3.85
N SER B 190 -3.18 -28.64 4.71
CA SER B 190 -1.77 -28.55 4.90
C SER B 190 -1.29 -29.82 5.58
N LEU B 191 -1.98 -30.26 6.63
CA LEU B 191 -1.60 -31.49 7.34
C LEU B 191 -1.46 -32.69 6.41
N VAL B 192 -2.46 -32.85 5.59
CA VAL B 192 -2.64 -33.98 4.76
C VAL B 192 -1.68 -33.91 3.56
N HIS B 193 -1.13 -32.72 3.24
CA HIS B 193 -0.11 -32.61 2.17
C HIS B 193 1.30 -32.38 2.69
N GLY B 194 1.57 -32.75 3.93
CA GLY B 194 2.90 -32.73 4.46
C GLY B 194 3.44 -31.37 4.80
N ASN B 195 2.55 -30.43 5.06
CA ASN B 195 2.91 -29.08 5.58
C ASN B 195 3.25 -28.10 4.47
N LEU B 196 2.31 -27.20 4.24
CA LEU B 196 2.37 -26.35 3.06
C LEU B 196 3.55 -25.37 3.16
N PHE B 197 4.14 -25.21 4.35
CA PHE B 197 5.36 -24.43 4.47
C PHE B 197 6.45 -24.99 3.58
N TYR B 198 6.39 -26.26 3.19
CA TYR B 198 7.41 -26.79 2.32
C TYR B 198 7.02 -26.72 0.83
N ASN B 199 5.85 -26.17 0.52
CA ASN B 199 5.46 -25.93 -0.87
C ASN B 199 6.13 -24.62 -1.26
N PRO B 200 7.05 -24.65 -2.24
CA PRO B 200 7.73 -23.39 -2.58
C PRO B 200 6.79 -22.33 -3.12
N PHE B 201 5.71 -22.73 -3.77
CA PHE B 201 4.74 -21.76 -4.24
C PHE B 201 3.96 -21.12 -3.12
N HIS B 202 3.82 -21.84 -2.02
CA HIS B 202 3.18 -21.27 -0.83
C HIS B 202 4.09 -20.20 -0.26
N GLY B 203 5.36 -20.55 -0.16
CA GLY B 203 6.33 -19.62 0.34
C GLY B 203 6.35 -18.33 -0.48
N LEU B 204 6.28 -18.45 -1.81
CA LEU B 204 6.37 -17.30 -2.70
C LEU B 204 5.08 -16.44 -2.49
N SER B 205 3.97 -17.15 -2.42
CA SER B 205 2.74 -16.54 -2.14
C SER B 205 2.87 -15.66 -0.90
N ILE B 206 3.48 -16.18 0.15
CA ILE B 206 3.65 -15.36 1.36
C ILE B 206 4.56 -14.17 1.10
N ALA B 207 5.64 -14.42 0.36
CA ALA B 207 6.62 -13.37 0.03
C ALA B 207 5.86 -12.17 -0.57
N PHE B 208 4.94 -12.45 -1.49
CA PHE B 208 4.13 -11.45 -2.14
C PHE B 208 3.02 -10.78 -1.30
N LEU B 209 2.43 -11.55 -0.38
CA LEU B 209 1.37 -11.06 0.45
C LEU B 209 1.97 -10.08 1.41
N TYR B 210 3.02 -10.49 2.10
CA TYR B 210 3.81 -9.58 2.93
C TYR B 210 4.30 -8.41 2.08
N GLY B 211 4.82 -8.74 0.88
CA GLY B 211 5.37 -7.80 -0.02
C GLY B 211 4.36 -6.74 -0.37
N SER B 212 3.10 -7.12 -0.50
CA SER B 212 2.06 -6.18 -0.82
C SER B 212 1.83 -5.22 0.33
N ALA B 213 1.95 -5.72 1.56
CA ALA B 213 1.79 -4.86 2.73
C ALA B 213 2.99 -3.89 2.80
N LEU B 214 4.17 -4.40 2.55
CA LEU B 214 5.37 -3.57 2.46
C LEU B 214 5.17 -2.48 1.39
N LEU B 215 4.76 -2.86 0.17
CA LEU B 215 4.75 -1.94 -0.95
C LEU B 215 3.69 -0.85 -0.78
N PHE B 216 2.57 -1.23 -0.21
CA PHE B 216 1.52 -0.30 -0.18
C PHE B 216 1.80 0.59 1.02
N ALA B 217 2.37 0.05 2.09
CA ALA B 217 2.79 0.94 3.19
C ALA B 217 3.79 1.99 2.60
N MET B 218 4.73 1.49 1.80
CA MET B 218 5.76 2.37 1.26
C MET B 218 5.08 3.42 0.42
N HIS B 219 4.22 2.94 -0.51
CA HIS B 219 3.68 3.75 -1.55
C HIS B 219 2.74 4.79 -0.98
N GLY B 220 1.80 4.31 -0.18
CA GLY B 220 0.82 5.18 0.44
C GLY B 220 1.50 6.22 1.28
N ALA B 221 2.51 5.81 2.03
CA ALA B 221 3.25 6.69 2.94
C ALA B 221 3.90 7.75 2.08
N THR B 222 4.45 7.31 0.93
CA THR B 222 5.21 8.18 0.06
C THR B 222 4.31 9.25 -0.56
N ILE B 223 3.15 8.83 -1.11
CA ILE B 223 2.21 9.79 -1.69
C ILE B 223 1.73 10.75 -0.64
N LEU B 224 1.46 10.27 0.56
CA LEU B 224 1.01 11.18 1.58
C LEU B 224 2.14 12.14 1.92
N ALA B 225 3.39 11.66 2.01
CA ALA B 225 4.53 12.56 2.32
C ALA B 225 4.75 13.66 1.28
N VAL B 226 4.37 13.37 0.04
CA VAL B 226 4.54 14.36 -1.00
C VAL B 226 3.22 14.99 -1.44
N SER B 227 2.20 14.90 -0.58
CA SER B 227 0.89 15.44 -0.96
C SER B 227 0.88 16.95 -0.88
N ARG B 228 1.76 17.53 -0.09
CA ARG B 228 1.99 18.99 -0.09
C ARG B 228 2.52 19.51 -1.45
N PHE B 229 2.96 18.63 -2.35
CA PHE B 229 3.31 19.03 -3.72
C PHE B 229 2.34 18.43 -4.73
N GLY B 230 1.18 18.03 -4.26
CA GLY B 230 0.20 17.46 -5.15
C GLY B 230 0.51 16.07 -5.64
N GLY B 231 1.27 15.33 -4.85
CA GLY B 231 1.62 14.05 -5.25
C GLY B 231 0.52 13.09 -5.62
N GLU B 232 -0.67 13.16 -5.04
CA GLU B 232 -1.69 12.11 -5.34
C GLU B 232 -2.32 12.23 -6.72
N ARG B 233 -1.95 13.28 -7.43
CA ARG B 233 -2.42 13.56 -8.76
C ARG B 233 -1.48 12.87 -9.69
N GLU B 234 -1.55 11.55 -9.61
CA GLU B 234 -0.56 10.68 -10.19
C GLU B 234 -0.55 10.73 -11.69
N LEU B 235 -1.72 10.77 -12.30
CA LEU B 235 -1.78 10.76 -13.76
C LEU B 235 -1.08 12.03 -14.33
N GLU B 236 -1.41 13.19 -13.79
CA GLU B 236 -0.76 14.39 -14.25
C GLU B 236 0.75 14.41 -13.89
N GLN B 237 1.17 13.70 -12.84
CA GLN B 237 2.62 13.60 -12.56
C GLN B 237 3.29 12.66 -13.57
N ILE B 238 2.50 11.70 -14.06
CA ILE B 238 3.01 10.80 -15.10
C ILE B 238 3.25 11.62 -16.37
N ALA B 239 2.31 12.50 -16.65
CA ALA B 239 2.32 13.23 -17.94
C ALA B 239 3.34 14.39 -17.92
N ASP B 240 3.71 14.85 -16.72
CA ASP B 240 4.47 16.08 -16.53
C ASP B 240 5.09 16.14 -15.15
N ARG B 241 6.19 15.42 -15.00
CA ARG B 241 6.82 15.18 -13.71
C ARG B 241 6.97 16.46 -12.92
N GLY B 242 6.63 16.41 -11.64
CA GLY B 242 6.65 17.60 -10.78
C GLY B 242 7.58 17.36 -9.61
N THR B 243 7.77 18.36 -8.76
CA THR B 243 8.67 18.16 -7.59
C THR B 243 8.15 17.08 -6.63
N ALA B 244 6.84 16.82 -6.67
CA ALA B 244 6.26 15.67 -5.96
C ALA B 244 6.97 14.32 -6.37
N ALA B 245 6.95 14.01 -7.65
CA ALA B 245 7.51 12.76 -8.17
C ALA B 245 9.01 12.72 -7.96
N GLU B 246 9.66 13.87 -8.10
CA GLU B 246 11.12 13.92 -7.89
C GLU B 246 11.54 13.66 -6.45
N ARG B 247 10.87 14.33 -5.50
CA ARG B 247 11.19 14.11 -4.09
C ARG B 247 10.92 12.68 -3.61
N ALA B 248 9.86 12.07 -4.17
CA ALA B 248 9.46 10.68 -3.93
C ALA B 248 10.58 9.70 -4.43
N ALA B 249 10.96 9.85 -5.71
CA ALA B 249 12.06 9.06 -6.27
C ALA B 249 13.31 9.17 -5.40
N LEU B 250 13.59 10.39 -4.97
CA LEU B 250 14.87 10.65 -4.41
C LEU B 250 14.91 10.20 -2.97
N PHE B 251 13.75 10.21 -2.29
CA PHE B 251 13.68 9.62 -0.97
C PHE B 251 14.17 8.19 -1.07
N TRP B 252 13.69 7.48 -2.06
CA TRP B 252 14.02 6.07 -2.12
C TRP B 252 15.42 5.83 -2.68
N ARG B 253 15.85 6.66 -3.64
CA ARG B 253 17.17 6.53 -4.20
C ARG B 253 18.17 6.66 -3.04
N TRP B 254 17.98 7.66 -2.21
CA TRP B 254 18.90 7.95 -1.13
C TRP B 254 18.84 6.92 0.02
N THR B 255 17.64 6.38 0.28
CA THR B 255 17.48 5.34 1.27
C THR B 255 18.08 4.00 0.82
N MET B 256 17.59 3.47 -0.31
CA MET B 256 17.92 2.11 -0.73
C MET B 256 18.63 2.06 -2.06
N GLY B 257 18.97 3.20 -2.63
CA GLY B 257 19.96 3.16 -3.77
C GLY B 257 19.33 3.00 -5.16
N PHE B 258 18.02 2.97 -5.21
CA PHE B 258 17.31 2.92 -6.48
C PHE B 258 15.88 3.34 -6.25
N ASN B 259 15.14 3.50 -7.33
CA ASN B 259 13.83 4.10 -7.19
C ASN B 259 12.88 3.83 -8.36
N ALA B 260 11.67 4.33 -8.20
CA ALA B 260 10.63 4.14 -9.15
C ALA B 260 10.38 5.46 -9.92
N THR B 261 9.43 5.37 -10.87
CA THR B 261 8.78 6.46 -11.47
C THR B 261 7.30 6.45 -10.99
N MET B 262 6.58 7.51 -11.29
CA MET B 262 5.22 7.64 -10.87
C MET B 262 4.31 6.64 -11.64
N GLU B 263 4.57 6.38 -12.90
CA GLU B 263 3.84 5.31 -13.55
C GLU B 263 4.36 3.96 -13.05
N GLY B 264 5.68 3.80 -12.98
CA GLY B 264 6.24 2.49 -12.78
C GLY B 264 5.97 1.86 -11.44
N ILE B 265 5.73 2.65 -10.40
CA ILE B 265 5.44 2.11 -9.07
C ILE B 265 4.15 1.32 -9.12
N HIS B 266 3.29 1.69 -10.07
CA HIS B 266 2.03 1.06 -10.24
C HIS B 266 2.19 -0.23 -10.94
N ARG B 267 3.24 -0.40 -11.70
CA ARG B 267 3.52 -1.71 -12.28
C ARG B 267 4.07 -2.66 -11.19
N TRP B 268 5.01 -2.18 -10.36
CA TRP B 268 5.41 -2.94 -9.16
C TRP B 268 4.17 -3.25 -8.30
N ALA B 269 3.26 -2.28 -8.12
CA ALA B 269 2.07 -2.54 -7.33
C ALA B 269 1.23 -3.66 -7.97
N ILE B 270 0.84 -3.50 -9.24
CA ILE B 270 -0.03 -4.51 -9.82
C ILE B 270 0.60 -5.90 -9.73
N TRP B 271 1.89 -6.04 -10.00
CA TRP B 271 2.48 -7.38 -10.04
C TRP B 271 2.67 -8.01 -8.67
N MET B 272 3.12 -7.23 -7.69
CA MET B 272 3.24 -7.67 -6.32
C MET B 272 1.94 -8.31 -5.84
N ALA B 273 0.80 -7.67 -6.06
CA ALA B 273 -0.49 -8.18 -5.59
C ALA B 273 -0.87 -9.42 -6.36
N VAL B 274 -0.83 -9.30 -7.67
CA VAL B 274 -1.34 -10.32 -8.55
C VAL B 274 -0.64 -11.66 -8.38
N LEU B 275 0.64 -11.62 -7.99
CA LEU B 275 1.46 -12.82 -7.88
C LEU B 275 1.16 -13.63 -6.61
N VAL B 276 0.48 -12.99 -5.65
CA VAL B 276 -0.01 -13.66 -4.48
C VAL B 276 -0.87 -14.84 -4.92
N THR B 277 -1.92 -14.56 -5.64
CA THR B 277 -2.83 -15.60 -6.04
C THR B 277 -2.37 -16.37 -7.26
N LEU B 278 -1.43 -15.88 -8.04
CA LEU B 278 -0.91 -16.67 -9.16
C LEU B 278 -0.07 -17.83 -8.69
N THR B 279 0.94 -17.50 -7.90
CA THR B 279 1.77 -18.51 -7.30
C THR B 279 0.90 -19.34 -6.37
N GLY B 280 0.01 -18.70 -5.64
CA GLY B 280 -0.83 -19.42 -4.69
C GLY B 280 -1.61 -20.48 -5.39
N GLY B 281 -2.19 -20.12 -6.51
CA GLY B 281 -3.05 -21.03 -7.24
C GLY B 281 -2.30 -22.21 -7.80
N ILE B 282 -1.05 -22.01 -8.25
CA ILE B 282 -0.17 -23.09 -8.72
C ILE B 282 0.10 -24.10 -7.58
N GLY B 283 0.53 -23.55 -6.45
CA GLY B 283 0.82 -24.31 -5.25
C GLY B 283 -0.27 -25.32 -4.86
N ILE B 284 -1.52 -24.88 -4.93
CA ILE B 284 -2.66 -25.73 -4.59
C ILE B 284 -2.96 -26.72 -5.72
N LEU B 285 -2.91 -26.28 -6.96
CA LEU B 285 -3.24 -27.12 -8.09
C LEU B 285 -2.33 -28.32 -8.14
N LEU B 286 -1.05 -28.08 -7.81
CA LEU B 286 -0.02 -29.14 -7.80
C LEU B 286 -0.24 -30.12 -6.65
N SER B 287 -0.90 -29.66 -5.59
CA SER B 287 -0.99 -30.38 -4.33
C SER B 287 -1.99 -31.50 -4.41
N GLY B 288 -1.52 -32.73 -4.28
CA GLY B 288 -2.36 -33.89 -4.41
C GLY B 288 -2.54 -34.39 -5.82
N THR B 289 -2.36 -33.52 -6.80
CA THR B 289 -2.46 -33.93 -8.19
C THR B 289 -1.12 -34.55 -8.63
N VAL B 290 -0.05 -33.84 -8.26
CA VAL B 290 1.33 -34.20 -8.61
C VAL B 290 2.21 -34.42 -7.40
N VAL B 291 2.02 -33.68 -6.31
CA VAL B 291 2.80 -33.81 -5.09
C VAL B 291 1.87 -34.12 -3.94
N ASP B 292 2.05 -35.25 -3.29
CA ASP B 292 1.19 -35.62 -2.17
C ASP B 292 1.72 -35.08 -0.86
N ASN B 293 3.00 -34.71 -0.85
CA ASN B 293 3.67 -34.43 0.41
C ASN B 293 4.85 -33.48 0.18
N TRP B 294 4.66 -32.22 0.57
CA TRP B 294 5.67 -31.22 0.27
C TRP B 294 6.94 -31.47 1.10
N TYR B 295 6.84 -31.86 2.35
CA TYR B 295 8.08 -32.32 3.01
C TYR B 295 8.87 -33.30 2.12
N VAL B 296 8.21 -34.36 1.70
CA VAL B 296 8.87 -35.40 0.94
C VAL B 296 9.46 -34.86 -0.37
N TRP B 297 8.68 -34.12 -1.11
CA TRP B 297 9.13 -33.45 -2.32
C TRP B 297 10.41 -32.67 -2.08
N GLY B 298 10.40 -31.89 -1.01
CA GLY B 298 11.54 -31.09 -0.58
C GLY B 298 12.77 -31.94 -0.46
N GLN B 299 12.66 -33.12 0.13
CA GLN B 299 13.84 -33.91 0.40
C GLN B 299 14.54 -34.23 -0.89
N ASN B 300 13.75 -34.39 -1.93
CA ASN B 300 14.21 -34.83 -3.22
C ASN B 300 14.50 -33.72 -4.22
N HIS B 301 14.12 -32.48 -3.94
CA HIS B 301 14.15 -31.43 -4.97
C HIS B 301 14.66 -30.13 -4.35
N GLY B 302 15.94 -30.14 -3.93
CA GLY B 302 16.55 -29.02 -3.14
C GLY B 302 15.78 -28.69 -1.83
N ASP C 11 9.98 -34.11 -13.03
CA ASP C 11 8.88 -33.81 -12.05
C ASP C 11 8.17 -32.48 -12.38
N LEU C 12 6.86 -32.51 -12.58
CA LEU C 12 6.14 -31.31 -12.96
C LEU C 12 6.29 -30.12 -11.99
N ALA C 13 6.42 -30.34 -10.67
CA ALA C 13 6.50 -29.21 -9.76
C ALA C 13 7.85 -28.55 -9.91
N SER C 14 8.89 -29.34 -10.11
CA SER C 14 10.23 -28.80 -10.34
C SER C 14 10.25 -28.01 -11.61
N LEU C 15 9.51 -28.46 -12.61
CA LEU C 15 9.44 -27.69 -13.84
C LEU C 15 8.77 -26.34 -13.55
N ALA C 16 7.65 -26.40 -12.82
CA ALA C 16 6.83 -25.24 -12.61
C ALA C 16 7.66 -24.18 -11.85
N ILE C 17 8.40 -24.60 -10.83
CA ILE C 17 9.07 -23.66 -9.96
C ILE C 17 10.33 -23.09 -10.64
N TYR C 18 11.02 -23.93 -11.37
CA TYR C 18 12.22 -23.50 -12.13
C TYR C 18 11.80 -22.41 -13.11
N SER C 19 10.71 -22.70 -13.82
CA SER C 19 10.12 -21.77 -14.76
C SER C 19 9.70 -20.49 -14.10
N PHE C 20 9.24 -20.61 -12.86
CA PHE C 20 8.73 -19.44 -12.18
C PHE C 20 9.84 -18.46 -11.90
N TRP C 21 10.99 -18.98 -11.50
CA TRP C 21 12.12 -18.13 -11.21
C TRP C 21 12.58 -17.44 -12.45
N ILE C 22 12.56 -18.13 -13.58
CA ILE C 22 13.03 -17.51 -14.80
C ILE C 22 12.07 -16.37 -15.10
N PHE C 23 10.77 -16.66 -15.01
CA PHE C 23 9.79 -15.66 -15.22
C PHE C 23 10.01 -14.47 -14.29
N LEU C 24 10.22 -14.71 -13.01
CA LEU C 24 10.36 -13.60 -12.04
C LEU C 24 11.62 -12.76 -12.27
N ALA C 25 12.70 -13.40 -12.60
CA ALA C 25 13.87 -12.68 -13.08
C ALA C 25 13.53 -11.74 -14.27
N GLY C 26 12.80 -12.23 -15.28
CA GLY C 26 12.42 -11.38 -16.41
C GLY C 26 11.45 -10.27 -16.02
N LEU C 27 10.58 -10.56 -15.06
CA LEU C 27 9.63 -9.59 -14.61
C LEU C 27 10.39 -8.42 -13.95
N ILE C 28 11.32 -8.73 -13.07
CA ILE C 28 12.06 -7.70 -12.36
C ILE C 28 12.87 -6.87 -13.33
N TYR C 29 13.50 -7.51 -14.29
CA TYR C 29 14.18 -6.75 -15.33
C TYR C 29 13.25 -5.75 -16.03
N TYR C 30 12.11 -6.28 -16.52
CA TYR C 30 11.10 -5.46 -17.17
C TYR C 30 10.70 -4.30 -16.25
N LEU C 31 10.38 -4.64 -15.00
CA LEU C 31 9.89 -3.65 -14.04
C LEU C 31 10.94 -2.54 -13.81
N GLN C 32 12.19 -2.96 -13.65
CA GLN C 32 13.22 -1.99 -13.38
C GLN C 32 13.42 -1.08 -14.57
N THR C 33 13.47 -1.64 -15.77
CA THR C 33 13.66 -0.80 -16.94
C THR C 33 12.45 0.16 -17.16
N GLU C 34 11.23 -0.27 -16.80
CA GLU C 34 10.06 0.60 -16.95
C GLU C 34 10.24 1.79 -16.04
N ASN C 35 10.85 1.58 -14.90
CA ASN C 35 11.11 2.69 -13.93
C ASN C 35 12.34 3.58 -14.26
N MET C 36 13.01 3.35 -15.39
CA MET C 36 14.04 4.27 -15.86
C MET C 36 13.56 5.22 -16.98
N ARG C 37 12.23 5.38 -17.08
CA ARG C 37 11.68 6.25 -18.11
C ARG C 37 11.82 7.73 -17.75
N GLU C 38 12.13 8.04 -16.51
CA GLU C 38 12.47 9.39 -16.11
C GLU C 38 13.80 9.39 -15.37
N GLY C 39 14.55 10.46 -15.60
CA GLY C 39 15.74 10.76 -14.79
C GLY C 39 17.03 10.16 -15.25
N TYR C 40 16.95 9.29 -16.26
CA TYR C 40 18.08 8.57 -16.85
C TYR C 40 18.22 9.14 -18.26
N PRO C 41 19.45 9.08 -18.85
CA PRO C 41 20.69 8.47 -18.28
C PRO C 41 21.17 9.26 -17.08
N LEU C 42 21.86 8.56 -16.18
CA LEU C 42 22.46 9.22 -15.01
C LEU C 42 23.53 10.26 -15.41
N GLU C 43 23.72 11.22 -14.52
CA GLU C 43 24.66 12.29 -14.76
C GLU C 43 25.72 12.42 -13.65
N ASN C 44 26.87 12.95 -14.05
CA ASN C 44 27.79 13.58 -13.12
C ASN C 44 27.21 14.88 -12.55
N GLU C 45 27.82 15.35 -11.48
CA GLU C 45 27.35 16.54 -10.76
C GLU C 45 27.43 17.83 -11.60
N ASP C 46 28.24 17.85 -12.69
CA ASP C 46 28.25 18.96 -13.68
C ASP C 46 27.22 18.79 -14.83
N GLY C 47 26.44 17.71 -14.76
CA GLY C 47 25.35 17.49 -15.68
C GLY C 47 25.69 16.72 -16.94
N THR C 48 26.94 16.34 -17.07
CA THR C 48 27.34 15.54 -18.17
C THR C 48 26.99 14.09 -17.85
N PRO C 49 26.85 13.26 -18.88
CA PRO C 49 26.51 11.83 -18.69
C PRO C 49 27.52 11.01 -17.90
N ALA C 50 27.10 10.31 -16.85
CA ALA C 50 28.03 9.51 -16.08
C ALA C 50 28.53 8.32 -16.90
N ALA C 51 29.68 7.83 -16.49
CA ALA C 51 30.34 6.73 -17.18
C ALA C 51 29.66 5.41 -16.82
N ASN C 52 29.21 5.25 -15.59
CA ASN C 52 28.65 3.97 -15.21
C ASN C 52 27.18 4.18 -15.06
N GLN C 53 26.45 3.70 -16.06
CA GLN C 53 24.98 3.78 -16.11
C GLN C 53 24.26 2.62 -15.43
N GLY C 54 24.95 1.60 -14.99
CA GLY C 54 24.28 0.41 -14.48
C GLY C 54 24.11 -0.71 -15.52
N PRO C 55 23.69 -1.88 -15.08
CA PRO C 55 23.53 -2.99 -16.00
C PRO C 55 22.18 -3.04 -16.70
N PHE C 56 21.21 -2.21 -16.30
CA PHE C 56 19.93 -2.17 -16.97
C PHE C 56 19.94 -1.09 -18.04
N PRO C 57 19.62 -1.44 -19.29
CA PRO C 57 19.60 -0.47 -20.38
C PRO C 57 18.32 0.32 -20.32
N LEU C 58 18.28 1.45 -21.03
CA LEU C 58 17.05 2.26 -21.07
C LEU C 58 16.03 1.54 -21.95
N PRO C 59 14.75 1.58 -21.58
CA PRO C 59 13.74 0.93 -22.40
C PRO C 59 13.46 1.66 -23.71
N LYS C 60 12.91 0.90 -24.64
CA LYS C 60 12.39 1.42 -25.90
C LYS C 60 11.30 2.47 -25.53
N PRO C 61 11.33 3.63 -26.17
CA PRO C 61 10.36 4.65 -25.68
C PRO C 61 8.87 4.34 -25.94
N LYS C 62 8.03 4.91 -25.09
CA LYS C 62 6.59 4.87 -25.26
C LYS C 62 6.13 6.32 -25.34
N THR C 63 4.98 6.53 -26.01
CA THR C 63 4.32 7.83 -26.06
C THR C 63 2.93 7.85 -25.47
N PHE C 64 2.71 8.78 -24.54
CA PHE C 64 1.39 9.07 -23.98
C PHE C 64 0.81 10.17 -24.81
N ILE C 65 -0.42 9.94 -25.26
CA ILE C 65 -1.23 10.98 -25.92
C ILE C 65 -2.02 11.73 -24.83
N LEU C 66 -1.78 13.03 -24.75
CA LEU C 66 -2.38 13.84 -23.74
C LEU C 66 -3.67 14.43 -24.25
N PRO C 67 -4.67 14.55 -23.36
CA PRO C 67 -5.98 15.10 -23.74
C PRO C 67 -5.97 16.55 -24.09
N HIS C 68 -7.08 17.00 -24.62
CA HIS C 68 -7.33 18.41 -24.78
C HIS C 68 -6.33 19.17 -25.62
N GLY C 69 -5.72 18.46 -26.58
CA GLY C 69 -4.85 19.08 -27.59
C GLY C 69 -3.50 19.41 -27.02
N ARG C 70 -3.19 18.85 -25.86
CA ARG C 70 -2.01 19.22 -25.14
C ARG C 70 -0.76 18.47 -25.63
N GLY C 71 -0.91 17.60 -26.63
CA GLY C 71 0.23 16.92 -27.25
C GLY C 71 0.52 15.54 -26.71
N THR C 72 1.79 15.19 -26.72
CA THR C 72 2.24 13.87 -26.32
C THR C 72 3.43 13.99 -25.38
N LEU C 73 3.74 12.93 -24.65
CA LEU C 73 4.98 12.85 -23.86
C LEU C 73 5.59 11.54 -24.29
N THR C 74 6.85 11.63 -24.73
CA THR C 74 7.60 10.42 -25.11
C THR C 74 8.73 10.23 -24.14
N VAL C 75 8.75 9.09 -23.47
CA VAL C 75 9.78 8.82 -22.50
C VAL C 75 10.24 7.39 -22.70
N PRO C 76 11.54 7.14 -22.55
CA PRO C 76 12.52 8.15 -22.17
C PRO C 76 12.81 9.10 -23.29
N GLY C 77 13.20 10.30 -22.91
CA GLY C 77 13.68 11.29 -23.85
C GLY C 77 14.72 12.21 -23.24
N PRO C 78 15.17 13.20 -24.04
CA PRO C 78 16.18 14.15 -23.62
C PRO C 78 15.73 14.76 -22.30
N GLU C 79 16.53 14.58 -21.25
CA GLU C 79 16.25 15.12 -19.93
C GLU C 79 16.95 16.44 -19.86
N SER C 80 16.39 17.34 -19.09
CA SER C 80 16.87 18.65 -19.02
C SER C 80 15.98 19.45 -18.06
N GLU C 81 16.64 20.06 -17.07
CA GLU C 81 16.03 20.89 -16.00
C GLU C 81 15.19 22.10 -16.53
N ASP C 82 15.61 22.64 -17.67
CA ASP C 82 15.01 23.86 -18.21
C ASP C 82 14.87 25.00 -17.21
N ARG C 83 15.83 25.11 -16.29
CA ARG C 83 15.89 26.25 -15.33
C ARG C 83 17.29 26.34 -14.73
N PRO C 84 17.66 27.53 -14.25
CA PRO C 84 18.99 27.65 -13.60
C PRO C 84 18.97 27.03 -12.22
N ILE C 85 20.11 26.52 -11.78
CA ILE C 85 20.17 25.93 -10.46
C ILE C 85 21.24 26.63 -9.68
N ALA C 86 20.80 27.60 -8.88
CA ALA C 86 21.68 28.41 -8.01
C ALA C 86 22.36 27.57 -6.89
N LEU C 87 23.27 26.67 -7.26
CA LEU C 87 24.10 25.90 -6.29
C LEU C 87 25.52 25.79 -6.75
N ALA C 88 26.45 25.61 -5.80
CA ALA C 88 27.87 25.42 -6.08
C ALA C 88 28.40 24.26 -5.25
N ARG C 89 29.37 23.52 -5.78
CA ARG C 89 30.03 22.50 -5.00
C ARG C 89 30.66 23.03 -3.72
N THR C 90 30.76 22.17 -2.71
CA THR C 90 31.41 22.53 -1.44
C THR C 90 32.60 21.64 -1.19
N ALA C 91 33.02 20.82 -2.16
CA ALA C 91 34.12 19.86 -2.01
C ALA C 91 34.79 19.67 -3.38
N VAL C 92 35.97 19.08 -3.40
CA VAL C 92 36.72 18.83 -4.62
C VAL C 92 36.46 17.45 -5.21
N SER C 93 35.58 16.69 -4.58
CA SER C 93 35.22 15.37 -5.12
C SER C 93 33.70 15.11 -5.08
N GLU C 94 33.28 14.03 -5.78
CA GLU C 94 31.87 13.58 -5.86
C GLU C 94 31.30 13.25 -4.48
N GLY C 95 30.02 13.54 -4.30
CA GLY C 95 29.24 12.98 -3.17
C GLY C 95 28.94 13.90 -2.00
N PHE C 96 29.43 15.15 -2.10
CA PHE C 96 29.12 16.17 -1.08
C PHE C 96 27.97 17.09 -1.46
N PRO C 97 27.40 17.79 -0.46
CA PRO C 97 26.28 18.68 -0.76
C PRO C 97 26.72 19.92 -1.58
N HIS C 98 25.71 20.61 -2.11
CA HIS C 98 25.91 21.73 -2.99
C HIS C 98 25.23 22.89 -2.28
N ALA C 99 26.02 23.92 -1.96
CA ALA C 99 25.56 25.05 -1.18
C ALA C 99 24.84 26.05 -2.06
N PRO C 100 23.68 26.58 -1.61
CA PRO C 100 22.99 27.66 -2.34
C PRO C 100 23.87 28.84 -2.52
N THR C 101 23.85 29.45 -3.70
CA THR C 101 24.72 30.55 -4.00
C THR C 101 24.06 31.87 -3.68
N GLY C 102 22.74 31.89 -3.49
CA GLY C 102 22.01 33.05 -2.97
C GLY C 102 21.05 32.60 -1.89
N ASP C 103 19.84 33.17 -1.91
CA ASP C 103 18.78 32.80 -0.96
C ASP C 103 18.03 31.57 -1.53
N PRO C 104 18.12 30.41 -0.85
CA PRO C 104 17.58 29.17 -1.46
C PRO C 104 16.03 29.16 -1.65
N MET C 105 15.34 29.86 -0.77
CA MET C 105 13.89 30.04 -0.93
C MET C 105 13.55 30.79 -2.22
N LYS C 106 14.16 31.95 -2.44
CA LYS C 106 14.00 32.70 -3.70
C LYS C 106 14.53 31.94 -4.92
N ASP C 107 15.60 31.21 -4.75
CA ASP C 107 16.25 30.54 -5.86
C ASP C 107 15.60 29.21 -6.24
N GLY C 108 14.70 28.72 -5.36
CA GLY C 108 14.02 27.44 -5.59
C GLY C 108 14.97 26.23 -5.64
N VAL C 109 15.89 26.17 -4.68
CA VAL C 109 16.77 25.01 -4.57
C VAL C 109 16.55 24.35 -3.23
N GLY C 110 17.07 23.14 -3.08
CA GLY C 110 16.97 22.46 -1.84
C GLY C 110 15.55 22.01 -1.64
N PRO C 111 15.11 21.91 -0.39
CA PRO C 111 13.70 21.60 -0.17
C PRO C 111 12.75 22.76 -0.62
N ALA C 112 13.30 23.86 -1.13
CA ALA C 112 12.45 24.85 -1.75
C ALA C 112 12.34 24.63 -3.28
N SER C 113 12.72 23.45 -3.79
CA SER C 113 12.87 23.22 -5.25
C SER C 113 11.51 23.14 -5.95
N TRP C 114 11.46 23.55 -7.21
CA TRP C 114 10.30 23.35 -8.07
C TRP C 114 10.73 22.81 -9.42
N VAL C 115 9.83 22.14 -10.14
CA VAL C 115 10.17 21.61 -11.44
C VAL C 115 9.55 22.53 -12.47
N ALA C 116 10.23 22.68 -13.62
CA ALA C 116 9.70 23.45 -14.76
C ALA C 116 8.58 22.68 -15.49
N ARG C 117 7.46 22.48 -14.78
CA ARG C 117 6.27 21.87 -15.37
C ARG C 117 5.62 22.85 -16.36
N ARG C 118 4.68 22.34 -17.17
CA ARG C 118 3.88 23.20 -18.01
C ARG C 118 3.28 24.37 -17.23
N ASP C 119 3.45 25.54 -17.78
CA ASP C 119 2.77 26.76 -17.35
C ASP C 119 1.35 26.84 -17.95
N LEU C 120 0.61 25.75 -17.77
CA LEU C 120 -0.85 25.72 -17.97
C LEU C 120 -1.49 25.01 -16.79
N PRO C 121 -2.78 25.21 -16.63
CA PRO C 121 -3.46 24.53 -15.49
C PRO C 121 -3.80 23.10 -15.81
N GLU C 122 -3.86 22.24 -14.80
CA GLU C 122 -4.41 20.92 -15.02
C GLU C 122 -5.90 21.02 -15.35
N LEU C 123 -6.30 20.34 -16.41
CA LEU C 123 -7.66 20.29 -16.83
C LEU C 123 -8.37 19.04 -16.32
N ASP C 124 -9.68 19.10 -16.23
CA ASP C 124 -10.46 17.91 -15.88
C ASP C 124 -10.90 17.21 -17.15
N GLY C 125 -11.76 16.23 -16.95
CA GLY C 125 -12.18 15.32 -17.98
C GLY C 125 -12.93 16.04 -19.06
N HIS C 126 -13.55 17.14 -18.71
CA HIS C 126 -14.22 17.96 -19.70
C HIS C 126 -13.37 19.06 -20.26
N GLY C 127 -12.15 19.22 -19.79
CA GLY C 127 -11.28 20.27 -20.31
C GLY C 127 -11.43 21.61 -19.63
N HIS C 128 -12.08 21.61 -18.47
CA HIS C 128 -12.15 22.77 -17.60
C HIS C 128 -11.00 22.77 -16.61
N ASN C 129 -10.63 23.93 -16.07
CA ASN C 129 -9.60 23.97 -15.05
C ASN C 129 -10.03 23.14 -13.85
N LYS C 130 -9.11 22.30 -13.37
CA LYS C 130 -9.32 21.39 -12.29
C LYS C 130 -9.48 22.09 -10.96
N ILE C 131 -8.67 23.11 -10.72
CA ILE C 131 -8.61 23.83 -9.45
C ILE C 131 -9.11 25.23 -9.72
N LYS C 132 -10.10 25.67 -8.95
CA LYS C 132 -10.73 26.98 -9.10
C LYS C 132 -10.92 27.53 -7.71
N PRO C 133 -10.89 28.83 -7.56
CA PRO C 133 -11.31 29.39 -6.27
C PRO C 133 -12.81 29.12 -6.06
N MET C 134 -13.24 28.81 -4.85
CA MET C 134 -14.62 28.39 -4.61
C MET C 134 -15.60 29.49 -5.08
N LYS C 135 -15.20 30.76 -4.95
CA LYS C 135 -16.11 31.82 -5.36
C LYS C 135 -16.51 31.60 -6.82
N ALA C 136 -15.60 31.06 -7.63
CA ALA C 136 -15.86 30.86 -9.10
C ALA C 136 -16.32 29.45 -9.45
N ALA C 137 -16.67 28.64 -8.44
CA ALA C 137 -16.95 27.21 -8.61
C ALA C 137 -18.43 26.91 -8.28
N ALA C 138 -19.28 26.95 -9.30
CA ALA C 138 -20.73 26.83 -9.13
C ALA C 138 -21.14 25.67 -8.22
N GLY C 139 -21.88 26.01 -7.17
CA GLY C 139 -22.45 25.06 -6.25
C GLY C 139 -21.53 24.49 -5.22
N PHE C 140 -20.29 24.97 -5.19
CA PHE C 140 -19.31 24.48 -4.21
C PHE C 140 -19.32 25.32 -2.93
N HIS C 141 -19.33 24.62 -1.80
CA HIS C 141 -19.40 25.24 -0.46
C HIS C 141 -18.74 24.28 0.53
N VAL C 142 -18.32 24.83 1.66
CA VAL C 142 -17.82 24.03 2.75
C VAL C 142 -18.97 23.22 3.30
N SER C 143 -18.74 21.91 3.43
CA SER C 143 -19.76 20.95 3.86
C SER C 143 -19.56 20.33 5.26
N ALA C 144 -18.37 20.45 5.81
CA ALA C 144 -18.02 19.80 7.06
C ALA C 144 -16.69 20.42 7.54
N GLY C 145 -16.54 20.59 8.86
CA GLY C 145 -15.32 21.14 9.42
C GLY C 145 -15.40 22.64 9.58
N LYS C 146 -14.33 23.24 10.07
CA LYS C 146 -14.33 24.63 10.38
C LYS C 146 -14.04 25.34 9.06
N ASN C 147 -14.92 26.26 8.67
CA ASN C 147 -14.68 27.13 7.54
C ASN C 147 -13.49 28.12 7.81
N PRO C 148 -12.38 27.94 7.09
CA PRO C 148 -11.25 28.83 7.19
C PRO C 148 -11.52 30.26 6.71
N ILE C 149 -12.52 30.46 5.85
CA ILE C 149 -12.61 31.73 5.15
C ILE C 149 -12.88 32.76 6.19
N GLY C 150 -12.00 33.77 6.29
CA GLY C 150 -12.12 34.84 7.30
C GLY C 150 -11.15 34.73 8.46
N LEU C 151 -10.63 33.53 8.73
CA LEU C 151 -9.61 33.38 9.76
C LEU C 151 -8.29 34.12 9.44
N PRO C 152 -7.67 34.70 10.49
CA PRO C 152 -6.35 35.26 10.33
C PRO C 152 -5.33 34.14 10.25
N VAL C 153 -4.32 34.40 9.43
CA VAL C 153 -3.29 33.43 9.18
C VAL C 153 -2.00 33.77 9.98
N ARG C 154 -1.50 32.77 10.69
CA ARG C 154 -0.33 32.92 11.57
C ARG C 154 0.85 32.11 11.14
N GLY C 155 2.00 32.78 10.99
CA GLY C 155 3.32 32.08 10.76
C GLY C 155 4.04 31.57 12.03
N CYS C 156 5.14 30.86 11.82
CA CYS C 156 5.87 30.20 12.95
C CYS C 156 6.58 31.20 13.85
N ASP C 157 6.68 32.45 13.43
CA ASP C 157 7.11 33.47 14.35
C ASP C 157 5.98 33.95 15.32
N LEU C 158 4.90 33.19 15.39
CA LEU C 158 3.65 33.63 16.06
C LEU C 158 3.13 35.02 15.65
N GLU C 159 3.37 35.48 14.42
CA GLU C 159 2.75 36.73 13.94
C GLU C 159 1.69 36.47 12.83
N ILE C 160 0.79 37.45 12.66
CA ILE C 160 -0.27 37.35 11.68
C ILE C 160 0.32 37.77 10.37
N ALA C 161 0.30 36.91 9.35
CA ALA C 161 0.77 37.28 7.99
C ALA C 161 -0.35 37.78 7.07
N GLY C 162 -1.61 37.56 7.45
CA GLY C 162 -2.75 37.83 6.56
C GLY C 162 -4.07 37.22 7.00
N LYS C 163 -4.99 37.09 6.05
CA LYS C 163 -6.31 36.44 6.30
C LYS C 163 -6.71 35.56 5.15
N VAL C 164 -7.40 34.46 5.48
CA VAL C 164 -8.00 33.62 4.45
C VAL C 164 -9.17 34.33 3.78
N VAL C 165 -9.06 34.50 2.45
CA VAL C 165 -10.11 35.08 1.61
C VAL C 165 -10.85 34.04 0.66
N ASP C 166 -10.34 32.82 0.53
CA ASP C 166 -11.07 31.76 -0.17
C ASP C 166 -10.37 30.42 -0.03
N ILE C 167 -11.07 29.36 -0.39
CA ILE C 167 -10.49 28.06 -0.54
C ILE C 167 -10.44 27.80 -2.07
N TRP C 168 -9.34 27.24 -2.56
CA TRP C 168 -9.27 26.77 -3.96
C TRP C 168 -9.53 25.29 -3.95
N VAL C 169 -10.53 24.89 -4.73
CA VAL C 169 -11.05 23.54 -4.67
C VAL C 169 -10.79 22.81 -5.96
N ASP C 170 -10.55 21.51 -5.83
CA ASP C 170 -10.52 20.59 -6.94
C ASP C 170 -11.97 20.25 -7.36
N ILE C 171 -12.44 20.68 -8.53
CA ILE C 171 -13.84 20.46 -8.91
C ILE C 171 -14.16 18.99 -9.08
N PRO C 172 -13.45 18.30 -9.97
CA PRO C 172 -13.75 16.87 -10.12
C PRO C 172 -13.59 16.02 -8.86
N GLU C 173 -12.62 16.30 -8.01
CA GLU C 173 -12.43 15.44 -6.81
C GLU C 173 -13.09 16.05 -5.57
N GLN C 174 -13.66 17.24 -5.66
CA GLN C 174 -14.38 17.85 -4.54
C GLN C 174 -13.56 17.84 -3.27
N MET C 175 -12.36 18.44 -3.32
CA MET C 175 -11.53 18.57 -2.15
C MET C 175 -10.84 19.91 -2.18
N ALA C 176 -10.45 20.36 -1.00
CA ALA C 176 -9.78 21.64 -0.80
C ALA C 176 -8.31 21.45 -1.12
N ARG C 177 -7.78 22.32 -1.95
CA ARG C 177 -6.35 22.18 -2.32
C ARG C 177 -5.45 23.30 -1.82
N PHE C 178 -5.95 24.53 -1.81
CA PHE C 178 -5.20 25.68 -1.30
C PHE C 178 -6.10 26.63 -0.49
N LEU C 179 -5.46 27.41 0.37
CA LEU C 179 -6.10 28.55 0.99
C LEU C 179 -5.53 29.81 0.32
N GLU C 180 -6.41 30.74 -0.07
CA GLU C 180 -5.94 31.97 -0.64
C GLU C 180 -5.89 33.00 0.49
N VAL C 181 -4.70 33.58 0.69
CA VAL C 181 -4.48 34.44 1.83
C VAL C 181 -4.17 35.86 1.40
N GLU C 182 -4.93 36.83 1.88
CA GLU C 182 -4.68 38.22 1.56
C GLU C 182 -3.64 38.79 2.53
N LEU C 183 -2.69 39.54 1.97
CA LEU C 183 -1.61 40.13 2.72
C LEU C 183 -1.86 41.63 2.97
N LYS C 184 -1.07 42.16 3.90
CA LYS C 184 -1.12 43.54 4.36
C LYS C 184 -1.23 44.55 3.20
N ASP C 185 -0.60 44.25 2.06
CA ASP C 185 -0.67 45.12 0.86
C ASP C 185 -1.89 44.89 -0.07
N GLY C 186 -2.77 43.95 0.29
CA GLY C 186 -3.95 43.67 -0.50
C GLY C 186 -3.84 42.58 -1.56
N SER C 187 -2.62 42.18 -1.90
CA SER C 187 -2.42 41.09 -2.84
C SER C 187 -2.67 39.77 -2.10
N THR C 188 -2.69 38.64 -2.81
CA THR C 188 -2.95 37.36 -2.21
C THR C 188 -1.93 36.30 -2.58
N ARG C 189 -1.88 35.20 -1.84
CA ARG C 189 -1.06 34.07 -2.22
C ARG C 189 -1.83 32.79 -1.93
N LEU C 190 -1.42 31.73 -2.58
CA LEU C 190 -1.94 30.45 -2.30
C LEU C 190 -1.03 29.75 -1.30
N LEU C 191 -1.65 29.04 -0.36
CA LEU C 191 -0.98 28.17 0.59
C LEU C 191 -1.53 26.78 0.38
N PRO C 192 -0.67 25.77 0.21
CA PRO C 192 -1.11 24.38 0.16
C PRO C 192 -1.90 23.96 1.40
N MET C 193 -2.99 23.26 1.17
CA MET C 193 -3.90 22.91 2.26
C MET C 193 -3.21 21.92 3.19
N GLN C 194 -2.36 21.10 2.59
CA GLN C 194 -1.57 20.15 3.35
C GLN C 194 -0.54 20.80 4.27
N MET C 195 -0.30 22.11 4.19
CA MET C 195 0.71 22.78 5.03
C MET C 195 0.18 23.83 6.03
N VAL C 196 -1.11 23.72 6.36
CA VAL C 196 -1.76 24.68 7.23
C VAL C 196 -2.57 23.88 8.21
N LYS C 197 -2.72 24.41 9.41
CA LYS C 197 -3.58 23.82 10.44
C LYS C 197 -4.75 24.78 10.67
N VAL C 198 -5.97 24.33 10.33
CA VAL C 198 -7.13 25.16 10.58
C VAL C 198 -7.49 24.98 12.05
N GLN C 199 -7.43 26.08 12.79
CA GLN C 199 -7.70 26.04 14.20
C GLN C 199 -9.00 26.81 14.43
N SER C 200 -9.50 26.79 15.66
CA SER C 200 -10.82 27.34 15.92
C SER C 200 -10.92 28.82 15.64
N ASN C 201 -9.79 29.52 15.73
CA ASN C 201 -9.79 30.97 15.70
C ASN C 201 -8.63 31.53 14.90
N ARG C 202 -7.95 30.66 14.14
CA ARG C 202 -6.86 31.08 13.28
C ARG C 202 -6.52 29.97 12.32
N VAL C 203 -5.72 30.27 11.30
CA VAL C 203 -5.03 29.26 10.57
C VAL C 203 -3.54 29.44 10.86
N HIS C 204 -2.88 28.35 11.26
CA HIS C 204 -1.50 28.38 11.59
C HIS C 204 -0.62 27.69 10.54
N VAL C 205 0.46 28.38 10.17
CA VAL C 205 1.37 27.88 9.14
C VAL C 205 2.76 27.78 9.73
N ASN C 206 3.07 26.56 10.13
CA ASN C 206 4.35 26.23 10.71
C ASN C 206 5.59 26.45 9.81
N ALA C 207 5.45 26.14 8.52
CA ALA C 207 6.55 26.25 7.56
C ALA C 207 7.13 27.64 7.36
N LEU C 208 6.37 28.72 7.56
CA LEU C 208 6.81 30.08 7.19
C LEU C 208 6.58 31.09 8.30
N SER C 209 7.57 31.92 8.53
CA SER C 209 7.43 33.08 9.36
C SER C 209 6.65 34.14 8.59
N SER C 210 6.02 35.04 9.30
CA SER C 210 5.19 36.05 8.68
C SER C 210 5.88 36.88 7.64
N ASP C 211 7.12 37.27 7.91
CA ASP C 211 7.95 38.01 6.92
C ASP C 211 8.24 37.25 5.59
N LEU C 212 7.98 35.94 5.54
CA LEU C 212 8.29 35.19 4.35
C LEU C 212 7.08 35.03 3.42
N PHE C 213 5.93 35.55 3.81
CA PHE C 213 4.72 35.31 3.04
C PHE C 213 4.70 36.07 1.72
N ALA C 214 5.20 37.30 1.75
CA ALA C 214 5.32 38.17 0.58
C ALA C 214 6.13 37.49 -0.53
N GLY C 215 7.09 36.65 -0.15
CA GLY C 215 7.95 35.97 -1.11
C GLY C 215 7.41 34.70 -1.72
N ILE C 216 6.26 34.21 -1.22
CA ILE C 216 5.57 33.12 -1.90
C ILE C 216 5.34 33.58 -3.32
N PRO C 217 5.69 32.75 -4.32
CA PRO C 217 5.42 33.06 -5.72
C PRO C 217 3.95 33.32 -5.99
N THR C 218 3.70 34.23 -6.89
CA THR C 218 2.34 34.65 -7.18
C THR C 218 1.86 34.06 -8.50
N ILE C 219 0.56 34.15 -8.74
CA ILE C 219 -0.03 33.52 -9.90
C ILE C 219 -0.37 34.58 -10.91
N LYS C 220 -0.25 34.22 -12.19
CA LYS C 220 -0.28 35.24 -13.20
C LYS C 220 -1.72 35.68 -13.45
N SER C 221 -2.70 34.76 -13.36
CA SER C 221 -4.12 35.12 -13.46
C SER C 221 -4.82 34.77 -12.17
N PRO C 222 -5.63 35.69 -11.65
CA PRO C 222 -6.13 35.46 -10.31
C PRO C 222 -7.18 34.41 -10.19
N THR C 223 -7.60 33.75 -11.27
CA THR C 223 -8.63 32.67 -11.10
C THR C 223 -8.26 31.32 -11.63
N GLU C 224 -6.97 31.10 -11.89
CA GLU C 224 -6.50 29.78 -12.22
C GLU C 224 -5.07 29.70 -11.75
N VAL C 225 -4.55 28.48 -11.53
CA VAL C 225 -3.12 28.23 -11.33
C VAL C 225 -2.58 27.23 -12.35
N THR C 226 -1.35 27.44 -12.77
CA THR C 226 -0.69 26.53 -13.69
C THR C 226 0.14 25.52 -12.91
N LEU C 227 0.47 24.41 -13.53
CA LEU C 227 1.26 23.41 -12.85
C LEU C 227 2.63 23.97 -12.44
N LEU C 228 3.22 24.82 -13.28
CA LEU C 228 4.44 25.51 -12.93
C LEU C 228 4.27 26.34 -11.65
N GLU C 229 3.15 27.03 -11.58
CA GLU C 229 2.88 27.92 -10.46
C GLU C 229 2.66 27.07 -9.22
N GLU C 230 1.96 25.96 -9.35
CA GLU C 230 1.76 25.09 -8.20
C GLU C 230 3.09 24.62 -7.63
N ASP C 231 4.05 24.33 -8.51
CA ASP C 231 5.27 23.68 -8.07
C ASP C 231 6.11 24.72 -7.34
N LYS C 232 6.13 25.95 -7.87
CA LYS C 232 6.84 27.02 -7.21
C LYS C 232 6.27 27.34 -5.80
N ILE C 233 4.93 27.48 -5.72
CA ILE C 233 4.25 27.70 -4.46
C ILE C 233 4.51 26.56 -3.49
N CYS C 234 4.25 25.33 -3.91
CA CYS C 234 4.41 24.22 -2.97
C CYS C 234 5.85 24.02 -2.54
N GLY C 235 6.76 24.18 -3.49
CA GLY C 235 8.20 24.18 -3.20
C GLY C 235 8.64 25.19 -2.16
N TYR C 236 8.25 26.43 -2.38
CA TYR C 236 8.62 27.54 -1.52
C TYR C 236 8.18 27.30 -0.09
N VAL C 237 6.91 26.89 0.07
CA VAL C 237 6.32 26.72 1.38
C VAL C 237 7.01 25.56 2.13
N ALA C 238 7.19 24.43 1.46
CA ALA C 238 7.98 23.27 2.06
C ALA C 238 9.40 23.68 2.41
N GLY C 239 10.03 24.49 1.55
CA GLY C 239 11.37 24.98 1.86
C GLY C 239 11.50 25.68 3.21
N GLY C 240 10.42 26.32 3.64
CA GLY C 240 10.45 27.02 4.90
C GLY C 240 10.79 26.14 6.09
N LEU C 241 10.43 24.86 6.02
CA LEU C 241 10.70 23.96 7.13
C LEU C 241 12.20 24.00 7.44
N MET C 242 13.02 23.85 6.41
CA MET C 242 14.44 24.00 6.61
C MET C 242 14.87 25.46 6.83
N TYR C 243 14.46 26.36 5.93
CA TYR C 243 15.09 27.66 5.86
C TYR C 243 14.46 28.76 6.71
N ALA C 244 13.26 28.54 7.25
CA ALA C 244 12.68 29.51 8.16
C ALA C 244 13.06 29.15 9.61
N ALA C 245 13.59 27.93 9.83
CA ALA C 245 13.93 27.41 11.18
C ALA C 245 14.50 28.44 12.21
N PRO C 246 15.48 29.32 11.81
CA PRO C 246 15.80 30.45 12.75
C PRO C 246 14.57 31.23 13.33
N LYS C 247 13.64 31.68 12.48
CA LYS C 247 12.48 32.45 12.94
C LYS C 247 11.38 31.55 13.53
N ARG C 248 11.51 30.23 13.44
CA ARG C 248 10.54 29.31 14.06
C ARG C 248 10.73 29.27 15.58
N LYS C 249 9.63 29.07 16.33
CA LYS C 249 9.62 28.99 17.83
C LYS C 249 8.94 27.74 18.44
N SER C 250 8.23 26.97 17.59
CA SER C 250 7.56 25.64 17.89
C SER C 250 7.71 25.08 19.32
P PO4 D . 32.41 10.30 -0.24
O1 PO4 D . 31.80 9.82 -1.56
O2 PO4 D . 31.64 11.54 0.20
O3 PO4 D . 32.36 9.24 0.82
O4 PO4 D . 33.86 10.62 -0.43
P PO4 E . 23.57 -26.42 29.02
O1 PO4 E . 22.72 -25.31 28.10
O2 PO4 E . 22.83 -26.76 30.44
O3 PO4 E . 24.95 -25.94 29.39
O4 PO4 E . 23.69 -27.57 28.12
MG BCL F . -0.71 -16.92 11.11
CHA BCL F . 1.69 -14.66 12.25
CHB BCL F . -1.25 -14.78 8.50
CHC BCL F . -2.10 -19.49 9.30
CHD BCL F . 0.60 -19.32 13.24
NA BCL F . 0.17 -15.06 10.45
C1A BCL F . 0.94 -14.19 11.22
C2A BCL F . 0.91 -12.79 10.74
C3A BCL F . -0.17 -12.83 9.69
C4A BCL F . -0.41 -14.29 9.50
CMA BCL F . -1.41 -12.14 10.31
CAA BCL F . 2.23 -12.65 9.96
CBA BCL F . 2.64 -11.27 9.41
CGA BCL F . 3.39 -10.54 10.42
O1A BCL F . 3.35 -10.78 11.62
O2A BCL F . 4.13 -9.54 9.92
NB BCL F . -1.47 -17.12 9.15
C1B BCL F . -1.65 -16.07 8.28
C2B BCL F . -2.42 -16.61 7.15
C3B BCL F . -2.65 -17.95 7.38
C4B BCL F . -2.07 -18.27 8.68
CMB BCL F . -2.83 -15.83 5.91
CAB BCL F . -3.41 -18.93 6.52
OBB BCL F . -3.71 -20.05 6.91
CBB BCL F . -3.86 -18.51 5.15
NC BCL F . -0.71 -19.06 11.23
C1C BCL F . -1.38 -19.90 10.44
C2C BCL F . -1.39 -21.34 10.86
C3C BCL F . -0.44 -21.32 12.04
C4C BCL F . -0.16 -19.83 12.23
CMC BCL F . -2.76 -21.81 11.35
CAC BCL F . 0.86 -22.08 11.68
CBC BCL F . 0.82 -23.62 11.80
ND BCL F . 0.82 -17.05 12.42
C1D BCL F . 1.19 -18.04 13.30
C2D BCL F . 2.19 -17.53 14.18
C3D BCL F . 2.43 -16.23 13.83
C4D BCL F . 1.58 -15.95 12.73
CMD BCL F . 2.92 -18.22 15.27
CAD BCL F . 3.21 -15.03 14.11
OBD BCL F . 4.09 -14.83 14.96
CBD BCL F . 2.80 -13.98 13.05
CGD BCL F . 2.52 -12.68 13.72
O1D BCL F . 1.39 -12.25 13.82
O2D BCL F . 3.64 -12.05 14.16
CED BCL F . 3.39 -10.79 14.81
C1 BCL F . 4.96 -8.68 10.74
C2 BCL F . 6.24 -8.37 10.00
C3 BCL F . 7.47 -8.54 10.50
C4 BCL F . 7.74 -9.09 11.91
C5 BCL F . 8.67 -8.19 9.58
C6 BCL F . 9.83 -7.54 10.33
C7 BCL F . 10.59 -6.62 9.35
C8 BCL F . 11.79 -5.94 10.02
C9 BCL F . 11.34 -4.70 10.81
C10 BCL F . 12.79 -5.63 8.91
C11 BCL F . 13.77 -6.76 8.63
C12 BCL F . 14.77 -6.35 7.55
C13 BCL F . 15.67 -7.45 7.00
C14 BCL F . 16.49 -8.10 8.09
C15 BCL F . 16.55 -6.81 5.92
C16 BCL F . 17.23 -7.80 4.98
C17 BCL F . 18.27 -7.13 4.05
C18 BCL F . 17.60 -6.33 2.91
C19 BCL F . 16.51 -7.14 2.13
C20 BCL F . 18.67 -5.74 1.98
MG BCL G . 9.82 -14.76 7.57
CHA BCL G . 9.13 -16.21 4.56
CHB BCL G . 12.41 -13.05 6.14
CHC BCL G . 10.15 -12.84 10.39
CHD BCL G . 6.80 -15.99 8.87
NA BCL G . 10.61 -14.63 5.66
C1A BCL G . 10.23 -15.39 4.53
C2A BCL G . 11.17 -15.16 3.38
C3A BCL G . 12.29 -14.33 3.97
C4A BCL G . 11.73 -13.97 5.32
CMA BCL G . 13.49 -15.28 4.16
CAA BCL G . 10.50 -14.13 2.46
CBA BCL G . 9.81 -12.88 3.08
CGA BCL G . 9.30 -11.78 2.24
O1A BCL G . 9.28 -11.76 1.03
O2A BCL G . 8.80 -10.73 2.96
NB BCL G . 11.07 -13.13 8.16
C1B BCL G . 12.07 -12.62 7.40
C2B BCL G . 12.73 -11.58 8.19
C3B BCL G . 12.08 -11.51 9.41
C4B BCL G . 11.01 -12.51 9.38
CMB BCL G . 13.91 -10.77 7.65
CAB BCL G . 12.34 -10.57 10.58
OBB BCL G . 11.51 -10.31 11.44
CBB BCL G . 13.68 -9.90 10.74
NC BCL G . 8.72 -14.48 9.31
C1C BCL G . 9.06 -13.72 10.34
C2C BCL G . 8.20 -13.89 11.56
C3C BCL G . 7.07 -14.69 11.01
C4C BCL G . 7.55 -15.14 9.67
CMC BCL G . 8.86 -14.76 12.64
CAC BCL G . 5.92 -13.67 10.77
CBC BCL G . 6.18 -12.41 9.87
ND BCL G . 8.24 -15.80 6.88
C1D BCL G . 7.15 -16.37 7.56
C2D BCL G . 6.52 -17.36 6.73
C3D BCL G . 7.26 -17.33 5.53
C4D BCL G . 8.31 -16.37 5.66
CMD BCL G . 5.33 -18.22 7.06
CAD BCL G . 7.36 -17.89 4.22
OBD BCL G . 6.66 -18.77 3.69
CBD BCL G . 8.58 -17.20 3.52
CGD BCL G . 9.52 -18.30 3.03
O1D BCL G . 9.41 -18.74 1.90
O2D BCL G . 10.46 -18.73 3.89
CED BCL G . 11.33 -19.77 3.45
C1 BCL G . 8.24 -9.57 2.30
C2 BCL G . 9.46 -8.72 1.95
C3 BCL G . 9.88 -8.45 0.69
C4 BCL G . 9.20 -8.94 -0.60
C5 BCL G . 11.16 -7.64 0.59
C6 BCL G . 12.38 -8.53 0.42
C7 BCL G . 12.96 -8.95 1.77
C8 BCL G . 13.99 -10.07 1.61
C9 BCL G . 13.53 -11.29 0.78
C10 BCL G . 14.43 -10.48 3.01
C11 BCL G . 15.58 -11.49 2.97
C12 BCL G . 16.17 -11.60 4.36
C13 BCL G . 17.40 -12.51 4.43
C14 BCL G . 17.19 -13.87 3.75
C15 BCL G . 17.74 -12.60 5.93
C16 BCL G . 19.23 -12.39 6.20
C17 BCL G . 19.68 -10.94 6.22
C18 BCL G . 21.21 -10.89 6.13
C19 BCL G . 21.91 -11.62 7.27
C20 BCL G . 21.71 -9.45 6.11
O1D BPH H . 13.79 0.60 3.28
CGD BPH H . 12.63 0.18 3.49
O2D BPH H . 11.98 -0.41 2.49
CED BPH H . 12.70 -0.44 1.20
CBD BPH H . 11.97 0.15 4.88
CHA BPH H . 11.40 -1.22 5.22
C4D BPH H . 10.04 -1.05 5.41
C3D BPH H . 9.60 0.28 5.33
CAD BPH H . 10.75 1.09 5.00
OBD BPH H . 10.84 2.30 4.89
C2D BPH H . 8.21 0.31 5.56
CMD BPH H . 7.31 1.52 5.56
C1D BPH H . 7.82 -1.04 5.78
ND BPH H . 8.97 -1.83 5.70
CHD BPH H . 6.52 -1.61 6.03
C4C BPH H . 6.21 -2.93 6.24
C3C BPH H . 4.81 -3.51 6.45
CAC BPH H . 3.82 -2.71 7.30
CBC BPH H . 4.41 -2.01 8.50
C2C BPH H . 5.08 -5.02 6.80
CMC BPH H . 4.17 -6.14 6.27
C1C BPH H . 6.57 -5.13 6.48
NC BPH H . 7.18 -3.97 6.24
CHC BPH H . 7.21 -6.36 6.52
C4B BPH H . 8.51 -6.72 6.15
C3B BPH H . 9.08 -8.06 6.04
CAB BPH H . 8.35 -9.31 6.30
CBB BPH H . 9.13 -10.53 6.71
OBB BPH H . 7.15 -9.40 6.09
C2B BPH H . 10.39 -7.97 5.65
CMB BPH H . 11.37 -9.09 5.42
C1B BPH H . 10.68 -6.57 5.50
NB BPH H . 9.53 -5.86 5.82
CHB BPH H . 11.88 -6.01 5.09
C4A BPH H . 12.21 -4.62 4.99
C3A BPH H . 13.52 -4.16 4.44
CMA BPH H . 13.59 -4.38 2.90
C2A BPH H . 13.45 -2.66 4.67
C1A BPH H . 12.04 -2.42 5.12
NA BPH H . 11.37 -3.61 5.32
CAA BPH H . 14.33 -2.37 5.90
CBA BPH H . 15.84 -2.48 5.70
CGA BPH H . 16.69 -2.23 6.88
O1A BPH H . 16.30 -2.08 8.05
O2A BPH H . 18.03 -2.20 6.63
C1 BPH H . 18.97 -1.99 7.70
C2 BPH H . 19.41 -3.38 8.21
C3 BPH H . 20.13 -4.12 7.37
C4 BPH H . 20.54 -3.67 5.93
C5 BPH H . 20.59 -5.55 7.74
C6 BPH H . 20.53 -5.82 9.24
C7 BPH H . 21.16 -7.16 9.48
C8 BPH H . 20.91 -7.65 10.89
C9 BPH H . 21.84 -6.94 11.89
C10 BPH H . 21.09 -9.18 10.88
C11 BPH H . 19.86 -9.94 10.41
C12 BPH H . 18.93 -10.21 11.59
C13 BPH H . 17.57 -10.82 11.24
C14 BPH H . 16.66 -10.66 12.45
C15 BPH H . 17.75 -12.29 10.85
C16 BPH H . 16.67 -12.73 9.89
C17 BPH H . 16.67 -14.22 9.53
C18 BPH H . 15.35 -14.53 8.80
C19 BPH H . 14.20 -14.71 9.79
C20 BPH H . 15.42 -15.72 7.86
C1 U10 I . -8.89 2.65 -6.28
C2 U10 I . -7.89 3.63 -6.72
C3 U10 I . -8.15 5.02 -6.86
C4 U10 I . -9.36 5.48 -6.57
C5 U10 I . -10.42 4.53 -6.16
C6 U10 I . -10.15 3.11 -6.01
C1M U10 I . -8.56 1.20 -6.14
C3M U10 I . -6.61 6.19 -8.63
C4M U10 I . -10.01 7.32 -8.04
C7 U10 I . -11.27 2.21 -5.60
C8 U10 I . -11.41 1.97 -4.12
C9 U10 I . -12.65 1.86 -3.57
C10 U10 I . -13.88 1.97 -4.39
C11 U10 I . -12.82 1.56 -2.11
C12 U10 I . -12.25 0.17 -1.91
C13 U10 I . -12.49 -0.41 -0.52
C14 U10 I . -11.80 -1.54 -0.15
C15 U10 I . -10.83 -2.21 -1.11
C16 U10 I . -12.00 -2.17 1.23
C17 U10 I . -12.18 -1.20 2.41
C18 U10 I . -12.44 -2.03 3.64
C19 U10 I . -12.39 -1.56 4.91
C20 U10 I . -12.10 -0.13 5.25
C21 U10 I . -12.67 -2.49 6.07
C22 U10 I . -12.09 -3.89 5.94
C23 U10 I . -12.38 -4.59 7.24
C24 U10 I . -11.59 -5.58 7.73
C25 U10 I . -10.41 -5.92 6.85
C26 U10 I . -11.93 -6.25 9.08
C27 U10 I . -12.61 -7.62 8.90
C28 U10 I . -13.20 -8.27 10.17
C29 U10 I . -13.26 -9.63 10.42
C30 U10 I . -12.75 -10.65 9.45
C31 U10 I . -13.91 -10.16 11.73
C32 U10 I . -13.27 -11.39 12.43
C33 U10 I . -14.15 -11.94 13.54
C34 U10 I . -14.21 -11.50 14.83
C35 U10 I . -15.18 -12.15 15.75
C36 U10 I . -13.45 -10.36 15.42
C37 U10 I . -12.91 -10.63 16.84
C38 U10 I . -13.80 -10.28 18.05
C39 U10 I . -13.28 -9.79 19.22
C40 U10 I . -11.78 -9.49 19.39
C41 U10 I . -14.20 -9.50 20.40
O2 U10 I . -6.75 3.32 -6.98
O3 U10 I . -7.10 5.97 -7.29
O4 U10 I . -9.57 6.91 -6.76
O5 U10 I . -11.55 4.93 -5.92
C1 HTO J . 12.31 -14.75 -1.08
O1 HTO J . 11.52 -14.34 -2.19
C2 HTO J . 12.48 -16.27 -1.07
O2 HTO J . 13.08 -16.72 0.14
C3 HTO J . 11.16 -17.00 -1.32
O3 HTO J . 10.17 -16.37 -0.54
C4 HTO J . 11.26 -18.51 -1.02
C5 HTO J . 10.14 -19.38 -1.61
C6 HTO J . 10.64 -20.78 -1.91
C7 HTO J . 11.00 -21.51 -0.61
N1 LDA K . 14.70 -24.54 -7.09
O1 LDA K . 14.93 -23.51 -7.79
CM1 LDA K . 14.13 -25.55 -8.00
CM2 LDA K . 15.97 -25.08 -6.55
C1 LDA K . 13.75 -24.26 -5.99
C2 LDA K . 14.18 -23.02 -5.21
C3 LDA K . 13.25 -22.67 -4.04
C4 LDA K . 13.93 -22.82 -2.66
C5 LDA K . 15.05 -21.80 -2.37
C6 LDA K . 14.67 -20.69 -1.37
C7 LDA K . 15.70 -20.42 -0.27
C8 LDA K . 17.16 -20.31 -0.75
C9 LDA K . 18.10 -19.51 0.16
C10 LDA K . 18.75 -18.31 -0.54
C11 LDA K . 19.99 -18.63 -1.37
C12 LDA K . 19.93 -19.93 -2.17
N1 LDA L . 9.27 11.74 13.72
O1 LDA L . 9.91 12.80 13.41
CM1 LDA L . 9.64 11.33 15.11
CM2 LDA L . 7.82 12.07 13.73
C1 LDA L . 9.56 10.67 12.76
C2 LDA L . 8.53 9.55 12.76
C3 LDA L . 8.99 8.45 13.70
C4 LDA L . 9.92 7.42 13.11
C5 LDA L . 10.80 6.87 14.21
C6 LDA L . 10.93 5.36 14.11
C7 LDA L . 12.04 4.80 14.98
C8 LDA L . 11.53 4.27 16.32
C9 LDA L . 10.90 2.86 16.31
C10 LDA L . 11.07 1.96 17.56
C11 LDA L . 11.81 2.56 18.79
C12 LDA L . 12.05 1.58 19.98
N1 LDA M . 6.50 17.39 14.44
O1 LDA M . 7.49 18.10 14.12
CM1 LDA M . 6.95 16.31 15.34
CM2 LDA M . 5.53 18.26 15.14
C1 LDA M . 5.91 16.84 13.20
C2 LDA M . 4.84 15.81 13.56
C3 LDA M . 5.37 14.37 13.73
C4 LDA M . 4.59 13.47 12.78
C5 LDA M . 4.94 12.00 12.86
C6 LDA M . 3.85 11.18 12.20
C7 LDA M . 3.85 11.32 10.68
C8 LDA M . 2.93 10.32 10.01
C9 LDA M . 1.79 9.80 10.87
C10 LDA M . 0.57 9.35 10.05
C11 LDA M . 0.52 7.86 9.70
C12 LDA M . -0.61 7.12 10.42
N1 LDA N . 22.76 -12.33 33.90
O1 LDA N . 23.47 -12.83 32.98
CM1 LDA N . 21.72 -13.36 34.21
CM2 LDA N . 23.57 -12.20 35.13
C1 LDA N . 22.16 -11.01 33.50
C2 LDA N . 22.59 -10.43 32.13
C3 LDA N . 21.39 -10.11 31.21
C4 LDA N . 21.74 -9.70 29.76
C5 LDA N . 20.70 -10.10 28.70
C6 LDA N . 20.86 -9.25 27.43
C7 LDA N . 19.93 -9.63 26.27
C8 LDA N . 19.17 -8.49 25.55
C9 LDA N . 18.55 -8.90 24.20
C10 LDA N . 17.25 -8.11 23.83
C11 LDA N . 17.31 -7.28 22.53
C12 LDA N . 16.56 -5.90 22.48
C1 GOL O . 23.34 -21.46 18.13
O1 GOL O . 22.31 -21.00 17.34
C2 GOL O . 24.55 -20.67 17.70
O2 GOL O . 25.70 -21.53 17.84
C3 GOL O . 24.68 -19.33 18.50
O3 GOL O . 23.49 -18.79 19.09
C1 GOL P . 1.29 4.17 -24.92
O1 GOL P . 1.99 2.94 -25.06
C2 GOL P . 0.49 4.12 -23.61
O2 GOL P . -0.81 3.67 -23.89
C3 GOL P . 0.42 5.47 -22.89
O3 GOL P . -0.87 5.98 -22.98
FE FE Q . -0.52 5.55 -6.38
P PO4 R . -15.37 -7.61 -26.58
O1 PO4 R . -15.83 -7.88 -28.01
O2 PO4 R . -16.42 -6.80 -25.87
O3 PO4 R . -14.06 -6.85 -26.59
O4 PO4 R . -15.22 -8.93 -25.84
P PO4 S . -28.04 -4.00 -21.44
O1 PO4 S . -27.70 -2.86 -22.50
O2 PO4 S . -28.52 -5.25 -22.18
O3 PO4 S . -29.21 -3.42 -20.66
O4 PO4 S . -26.86 -4.46 -20.52
MG BCL T . -11.21 -17.40 3.74
CHA BCL T . -10.75 -15.26 6.41
CHB BCL T . -13.88 -15.41 2.80
CHC BCL T . -11.15 -18.81 0.69
CHD BCL T . -8.20 -18.97 4.52
NA BCL T . -12.13 -15.58 4.48
C1A BCL T . -11.80 -14.87 5.63
C2A BCL T . -12.82 -13.81 5.94
C3A BCL T . -13.89 -14.05 4.89
C4A BCL T . -13.25 -15.03 3.98
CMA BCL T . -15.01 -14.80 5.61
CAA BCL T . -12.20 -12.43 5.61
CBA BCL T . -11.80 -12.24 4.12
CGA BCL T . -11.23 -10.97 3.70
O1A BCL T . -10.50 -10.26 4.37
O2A BCL T . -11.59 -10.65 2.43
NB BCL T . -12.29 -17.14 1.99
C1B BCL T . -13.38 -16.27 1.86
C2B BCL T . -13.94 -16.49 0.55
C3B BCL T . -13.19 -17.46 -0.08
C4B BCL T . -12.12 -17.88 0.86
CMB BCL T . -15.12 -15.71 0.05
CAB BCL T . -13.37 -17.95 -1.50
OBB BCL T . -12.61 -18.69 -2.08
CBB BCL T . -14.53 -17.45 -2.31
NC BCL T . -9.87 -18.62 2.74
C1C BCL T . -10.12 -19.22 1.56
C2C BCL T . -9.24 -20.38 1.22
C3C BCL T . -8.29 -20.39 2.38
C4C BCL T . -8.79 -19.30 3.32
CMC BCL T . -10.00 -21.70 1.20
CAC BCL T . -6.86 -20.06 1.92
CBC BCL T . -6.80 -18.63 1.38
ND BCL T . -9.70 -17.12 5.08
C1D BCL T . -8.65 -17.99 5.41
C2D BCL T . -8.17 -17.66 6.73
C3D BCL T . -8.99 -16.62 7.18
C4D BCL T . -9.89 -16.32 6.15
CMD BCL T . -7.04 -18.36 7.50
CAD BCL T . -9.27 -15.73 8.30
OBD BCL T . -8.76 -15.60 9.43
CBD BCL T . -10.41 -14.79 7.82
CGD BCL T . -11.50 -14.78 8.84
O1D BCL T . -11.67 -13.84 9.58
O2D BCL T . -12.27 -15.84 8.91
CED BCL T . -13.27 -15.71 9.95
C1 BCL T . -11.26 -9.50 1.63
C2 BCL T . -12.01 -8.21 1.96
C3 BCL T . -13.18 -7.73 1.47
C4 BCL T . -13.64 -6.35 1.93
C5 BCL T . -14.23 -8.38 0.59
C6 BCL T . -15.59 -8.21 1.34
C7 BCL T . -16.48 -9.48 1.54
C8 BCL T . -16.34 -10.41 2.79
C9 BCL T . -17.14 -11.74 2.58
C10 BCL T . -16.76 -9.66 4.08
C11 BCL T . -16.12 -10.13 5.40
C12 BCL T . -17.12 -10.89 6.28
C13 BCL T . -16.88 -10.81 7.81
C14 BCL T . -15.42 -10.42 8.11
C15 BCL T . -17.35 -12.11 8.55
C16 BCL T . -18.87 -12.21 8.82
C17 BCL T . -19.71 -12.95 7.73
C18 BCL T . -20.95 -13.72 8.28
C19 BCL T . -21.68 -14.58 7.23
C20 BCL T . -21.94 -12.80 8.99
MG BCL U . -1.12 -20.51 3.99
CHA BCL U . -2.94 -20.09 1.09
CHB BCL U . -0.44 -17.10 3.84
CHC BCL U . 0.32 -20.69 6.98
CHD BCL U . -2.79 -23.51 4.63
NA BCL U . -1.68 -18.81 2.64
C1A BCL U . -2.26 -18.94 1.39
C2A BCL U . -2.16 -17.65 0.57
C3A BCL U . -1.37 -16.70 1.50
C4A BCL U . -1.15 -17.57 2.73
CMA BCL U . -0.13 -16.19 0.79
CAA BCL U . -3.51 -17.04 0.21
CBA BCL U . -3.44 -15.76 -0.56
CGA BCL U . -4.69 -15.04 -0.64
O1A BCL U . -4.83 -13.86 -0.96
O2A BCL U . -5.71 -15.82 -0.35
NB BCL U . -0.24 -19.08 5.26
C1B BCL U . 0.01 -17.77 4.94
C2B BCL U . 0.80 -17.26 6.05
C3B BCL U . 1.03 -18.26 6.96
C4B BCL U . 0.36 -19.43 6.44
CMB BCL U . 1.30 -15.85 6.12
CAB BCL U . 1.77 -18.26 8.31
OBB BCL U . 1.83 -19.27 8.99
CBB BCL U . 2.36 -17.00 8.93
NC BCL U . -1.26 -21.82 5.54
C1C BCL U . -0.48 -21.75 6.60
C2C BCL U . -0.42 -23.00 7.37
C3C BCL U . -1.52 -23.80 6.75
C4C BCL U . -1.88 -23.04 5.55
CMC BCL U . 0.86 -23.76 7.00
CAC BCL U . -2.68 -23.69 7.76
CBC BCL U . -2.46 -24.55 9.03
ND BCL U . -2.61 -21.61 3.10
C1D BCL U . -3.11 -22.87 3.39
C2D BCL U . -3.96 -23.31 2.32
C3D BCL U . -3.93 -22.25 1.40
C4D BCL U . -3.10 -21.23 1.90
CMD BCL U . -4.67 -24.66 2.30
CAD BCL U . -4.39 -21.77 0.11
OBD BCL U . -5.14 -22.29 -0.70
CBD BCL U . -3.75 -20.39 -0.15
CGD BCL U . -2.70 -20.58 -1.22
O1D BCL U . -2.60 -20.01 -2.29
O2D BCL U . -1.78 -21.51 -0.87
CED BCL U . -0.72 -21.78 -1.81
C1 BCL U . -7.01 -15.25 -0.36
C2 BCL U . -7.53 -14.95 -1.78
C3 BCL U . -8.51 -15.69 -2.32
C4 BCL U . -9.12 -16.88 -1.58
C5 BCL U . -9.06 -15.32 -3.70
C6 BCL U . -10.58 -15.20 -3.68
C7 BCL U . -11.10 -14.71 -5.02
C8 BCL U . -12.60 -14.85 -5.26
C9 BCL U . -12.91 -14.76 -6.75
C10 BCL U . -13.39 -13.79 -4.46
C11 BCL U . -14.91 -14.00 -4.53
C12 BCL U . -15.65 -13.32 -3.38
C13 BCL U . -17.07 -13.83 -3.19
C14 BCL U . -17.95 -13.53 -4.39
C15 BCL U . -17.70 -13.21 -1.93
C16 BCL U . -18.26 -11.84 -2.24
C17 BCL U . -17.91 -10.79 -1.16
C18 BCL U . -18.89 -9.58 -1.17
C19 BCL U . -18.20 -8.18 -1.06
C20 BCL U . -19.88 -9.80 -0.03
O1D BPH V . -14.82 -5.80 -8.20
CGD BPH V . -13.78 -6.07 -7.69
O2D BPH V . -13.27 -5.25 -6.78
CED BPH V . -14.04 -4.08 -6.52
CBD BPH V . -13.04 -7.36 -8.04
CHA BPH V . -12.60 -8.25 -6.89
C4D BPH V . -11.20 -8.26 -6.97
C3D BPH V . -10.62 -7.59 -8.07
CAD BPH V . -11.72 -7.00 -8.74
OBD BPH V . -11.75 -6.31 -9.70
C2D BPH V . -9.24 -7.73 -8.01
CMD BPH V . -8.20 -7.19 -8.94
C1D BPH V . -8.98 -8.57 -6.88
ND BPH V . -10.20 -8.84 -6.30
CHD BPH V . -7.79 -9.07 -6.30
C4C BPH V . -7.64 -9.88 -5.17
C3C BPH V . -6.31 -10.28 -4.52
CAC BPH V . -5.15 -10.84 -5.31
CBC BPH V . -5.16 -10.34 -6.76
C2C BPH V . -6.68 -11.18 -3.35
CMC BPH V . -5.88 -10.96 -2.05
C1C BPH V . -8.21 -11.04 -3.41
NC BPH V . -8.70 -10.32 -4.42
CHC BPH V . -9.01 -11.67 -2.43
C4B BPH V . -10.36 -11.52 -2.15
C3B BPH V . -11.08 -12.09 -1.02
CAB BPH V . -10.39 -12.92 0.02
CBB BPH V . -11.14 -14.07 0.60
OBB BPH V . -9.25 -12.68 0.38
C2B BPH V . -12.41 -11.74 -1.10
CMB BPH V . -13.54 -12.06 -0.17
C1B BPH V . -12.54 -10.96 -2.32
NB BPH V . -11.28 -10.85 -2.91
CHB BPH V . -13.69 -10.37 -2.76
C4A BPH V . -13.85 -9.66 -3.95
C3A BPH V . -15.12 -8.96 -4.30
CMA BPH V . -15.14 -7.68 -3.43
C2A BPH V . -14.89 -8.49 -5.71
C1A BPH V . -13.40 -8.71 -5.89
NA BPH V . -12.87 -9.41 -4.84
CAA BPH V . -15.62 -9.51 -6.60
CBA BPH V . -17.15 -9.37 -6.60
CGA BPH V . -17.97 -10.48 -7.08
O1A BPH V . -17.54 -11.38 -7.74
O2A BPH V . -19.29 -10.42 -6.74
C1 BPH V . -20.31 -11.43 -7.07
C2 BPH V . -21.17 -11.57 -5.81
C3 BPH V . -22.16 -10.70 -5.63
C4 BPH V . -22.38 -9.66 -6.72
C5 BPH V . -23.12 -10.65 -4.40
C6 BPH V . -23.66 -9.21 -4.13
C7 BPH V . -24.52 -8.89 -2.86
C8 BPH V . -24.57 -7.36 -2.47
C9 BPH V . -23.68 -7.12 -1.24
C10 BPH V . -26.00 -6.76 -2.32
C11 BPH V . -26.51 -6.55 -0.86
C12 BPH V . -27.96 -6.02 -0.68
C13 BPH V . -28.62 -6.16 0.74
C14 BPH V . -30.14 -6.40 0.66
C15 BPH V . -28.27 -4.97 1.70
C16 BPH V . -27.57 -5.28 3.05
C17 BPH V . -26.37 -6.27 3.04
C18 BPH V . -24.97 -5.81 3.52
C19 BPH V . -23.96 -6.97 3.46
C20 BPH V . -24.96 -5.17 4.91
C1 U10 W . 7.72 4.24 -3.87
C2 U10 W . 6.91 5.38 -4.29
C3 U10 W . 7.48 6.34 -5.23
C4 U10 W . 8.73 6.19 -5.70
C5 U10 W . 9.52 5.08 -5.28
C6 U10 W . 8.98 4.08 -4.36
C1M U10 W . 7.05 3.31 -2.90
C3M U10 W . 5.53 7.27 -6.47
C4M U10 W . 8.67 7.56 -7.82
C7 U10 W . 9.93 2.97 -4.01
C8 U10 W . 9.54 1.64 -4.57
C9 U10 W . 10.22 0.93 -5.48
C10 U10 W . 11.50 1.34 -6.18
C11 U10 W . 9.59 -0.40 -5.84
C12 U10 W . 10.51 -1.60 -5.58
C13 U10 W . 10.51 -1.93 -4.12
C14 U10 W . 10.13 -3.10 -3.52
C15 U10 W . 9.55 -4.25 -4.27
C16 U10 W . 10.29 -3.16 -2.01
C17 U10 W . 11.48 -3.98 -1.56
C18 U10 W . 12.82 -3.27 -1.66
C19 U10 W . 13.94 -4.03 -1.58
C20 U10 W . 13.89 -5.51 -1.39
C21 U10 W . 15.31 -3.44 -1.65
C22 U10 W . 15.79 -3.25 -0.22
C23 U10 W . 17.11 -2.55 -0.27
C24 U10 W . 17.68 -2.04 0.82
C25 U10 W . 17.12 -2.07 2.21
C26 U10 W . 18.98 -1.39 0.61
C27 U10 W . 20.12 -2.36 0.84
C28 U10 W . 21.22 -1.40 1.18
C29 U10 W . 22.47 -1.53 0.78
C30 U10 W . 22.92 -2.74 -0.06
C31 U10 W . 23.42 -0.40 1.23
C32 U10 W . 23.31 0.05 2.71
C33 U10 W . 23.28 1.56 2.98
C34 U10 W . 23.66 1.99 4.21
C35 U10 W . 24.10 0.98 5.26
C36 U10 W . 23.66 3.47 4.55
C37 U10 W . 25.02 4.18 4.45
C38 U10 W . 25.96 3.62 3.41
C39 U10 W . 27.31 3.45 3.60
C40 U10 W . 28.10 2.82 2.47
C41 U10 W . 28.02 3.85 4.87
O2 U10 W . 5.74 5.52 -3.83
O3 U10 W . 6.68 7.48 -5.64
O4 U10 W . 9.32 7.12 -6.61
O5 U10 W . 10.68 4.97 -5.74
C1 CDL X . -2.13 -1.62 -23.94
O1 CDL X . -2.85 -0.54 -23.39
CA2 CDL X . -0.81 -1.96 -23.20
OA2 CDL X . -0.90 -2.11 -21.74
PA1 CDL X . 0.32 -1.82 -20.68
OA3 CDL X . -0.13 -0.97 -19.58
OA4 CDL X . 1.45 -1.35 -21.57
OA5 CDL X . 0.64 -3.30 -20.14
CA3 CDL X . 1.55 -4.10 -20.95
CA4 CDL X . 1.96 -5.40 -20.25
OA6 CDL X . 3.37 -5.68 -20.45
CA5 CDL X . 3.89 -6.46 -19.32
OA7 CDL X . 3.33 -6.27 -18.22
C11 CDL X . 5.08 -7.43 -19.51
C12 CDL X . 5.21 -8.57 -18.51
C13 CDL X . 6.67 -9.06 -18.50
C14 CDL X . 6.81 -10.53 -18.07
C15 CDL X . 8.26 -11.01 -17.95
C16 CDL X . 8.69 -11.90 -19.12
C17 CDL X . 9.77 -12.93 -18.72
C18 CDL X . 9.63 -14.19 -19.55
C19 CDL X . 10.80 -15.15 -19.35
C20 CDL X . 12.05 -14.70 -20.10
C21 CDL X . 13.13 -14.06 -19.20
C22 CDL X . 14.57 -14.59 -19.45
C23 CDL X . 15.43 -14.54 -18.17
C24 CDL X . 16.77 -15.28 -18.31
CA6 CDL X . 1.23 -6.64 -20.78
OA8 CDL X . 1.09 -7.69 -19.77
CA7 CDL X . 1.70 -9.03 -19.97
OA9 CDL X . 2.75 -9.10 -20.60
C31 CDL X . 1.05 -10.34 -19.46
C32 CDL X . 2.09 -11.42 -19.16
C33 CDL X . 1.34 -12.68 -18.73
C34 CDL X . 2.15 -13.51 -17.75
C35 CDL X . 1.28 -14.46 -16.92
C36 CDL X . 2.10 -15.30 -15.95
C37 CDL X . 3.28 -15.91 -16.66
C38 CDL X . 3.89 -17.13 -15.96
C39 CDL X . 4.94 -17.82 -16.88
C40 CDL X . 5.68 -18.93 -16.16
C41 CDL X . 4.81 -19.61 -15.11
C42 CDL X . 5.53 -20.80 -14.51
C43 CDL X . 4.67 -21.49 -13.48
CB2 CDL X . -3.02 -2.86 -23.84
OB2 CDL X . -3.30 -3.22 -22.47
PB2 CDL X . -4.50 -4.23 -22.00
OB3 CDL X . -5.71 -3.41 -21.60
OB4 CDL X . -4.71 -5.26 -23.08
OB5 CDL X . -3.85 -5.01 -20.73
CB3 CDL X . -2.41 -5.10 -20.64
CB4 CDL X . -1.84 -6.22 -19.78
OB6 CDL X . -2.72 -7.36 -19.74
CB5 CDL X . -2.35 -8.59 -20.49
OB7 CDL X . -1.19 -8.78 -20.80
C51 CDL X . -3.36 -9.68 -20.93
C52 CDL X . -3.48 -10.78 -19.90
C53 CDL X . -4.27 -11.99 -20.42
C54 CDL X . -3.92 -13.28 -19.63
C55 CDL X . -2.90 -14.20 -20.34
C56 CDL X . -2.92 -15.68 -19.90
C57 CDL X . -1.53 -16.33 -19.79
C58 CDL X . -1.38 -17.29 -18.59
CB6 CDL X . -1.34 -5.66 -18.43
OB8 CDL X . -1.96 -6.23 -17.26
CB7 CDL X . -1.09 -6.60 -16.15
OB9 CDL X . 0.04 -6.18 -16.18
C71 CDL X . -1.50 -7.50 -14.99
C72 CDL X . -1.15 -8.94 -15.30
C73 CDL X . -2.22 -9.93 -14.86
C74 CDL X . -2.04 -11.34 -15.47
C75 CDL X . -2.76 -12.41 -14.63
C76 CDL X . -3.36 -13.53 -15.47
C77 CDL X . -3.85 -14.68 -14.58
C78 CDL X . -4.06 -16.01 -15.31
C79 CDL X . -4.17 -17.19 -14.34
C80 CDL X . -3.61 -18.52 -14.90
C81 CDL X . -2.24 -18.99 -14.34
C82 CDL X . -1.87 -20.26 -15.07
C83 CDL X . -0.57 -20.93 -14.58
C84 CDL X . -0.40 -22.40 -15.08
C48 PC9 Y . 6.68 -7.41 -8.21
C47 PC9 Y . 7.84 -8.37 -8.06
C46 PC9 Y . 8.51 -8.13 -6.71
C45 PC9 Y . 9.58 -9.19 -6.38
C44 PC9 Y . 10.41 -8.77 -5.15
C43 PC9 Y . 11.18 -7.47 -5.48
C42 PC9 Y . 12.72 -7.44 -5.20
C41 PC9 Y . 13.17 -5.97 -5.26
C40 PC9 Y . 14.64 -5.78 -5.56
C39 PC9 Y . 14.84 -4.97 -6.84
C38 PC9 Y . 16.27 -4.46 -6.99
C37 PC9 Y . 16.35 -3.47 -8.16
BR2 PC9 Y . 16.04 -4.57 -9.74
C36 PC9 Y . 17.67 -2.70 -8.17
BR1 PC9 Y . 19.05 -4.02 -8.03
C35 PC9 Y . 17.98 -1.90 -9.41
C34 PC9 Y . 19.36 -1.21 -9.35
C33 PC9 Y . 19.23 0.22 -9.89
C32 PC9 Y . 20.46 0.76 -10.63
C31 PC9 Y . 20.49 2.32 -10.69
O31 PC9 Y . 20.41 2.88 -11.77
O2 PC9 Y . 20.66 3.11 -9.57
C2 PC9 Y . 22.05 2.91 -9.01
C1 PC9 Y . 23.16 4.05 -9.03
O3P PC9 Y . 24.49 3.46 -9.33
P PC9 Y . 24.90 2.95 -10.84
O1P PC9 Y . 23.62 2.19 -11.48
O2P PC9 Y . 25.51 4.11 -11.54
O4P PC9 Y . 26.00 1.75 -10.56
C4 PC9 Y . 25.95 0.45 -11.29
C5 PC9 Y . 26.70 -0.72 -10.56
N PC9 Y . 27.55 -1.59 -11.43
C7 PC9 Y . 27.13 -1.71 -12.84
C8 PC9 Y . 27.51 -2.97 -10.89
C6 PC9 Y . 28.96 -1.13 -11.43
C3 PC9 Y . 22.01 2.25 -7.60
O3 PC9 Y . 23.30 2.10 -6.86
C11 PC9 Y . 24.02 1.07 -7.32
O11 PC9 Y . 24.94 1.23 -8.13
C12 PC9 Y . 23.58 -0.25 -6.79
C13 PC9 Y . 22.92 0.05 -5.47
C14 PC9 Y . 21.43 -0.07 -5.58
C15 PC9 Y . 21.00 -1.53 -5.54
C16 PC9 Y . 20.42 -1.86 -4.19
C17 PC9 Y . 20.40 -3.35 -4.03
C18 PC9 Y . 19.00 -3.81 -3.78
C19 PC9 Y . 18.97 -4.36 -2.38
C20 PC9 Y . 19.08 -5.88 -2.42
C21 PC9 Y . 18.05 -6.45 -3.39
C22 PC9 Y . 17.72 -7.89 -3.01
C23 PC9 Y . 17.21 -7.95 -1.59
C24 PC9 Y . 16.43 -9.25 -1.40
C25 PC9 Y . 15.89 -9.79 -2.75
C26 PC9 Y . 14.38 -9.53 -2.94
C48 PC9 Z . -18.72 -2.19 2.72
C47 PC9 Z . -17.19 -2.34 2.51
C46 PC9 Z . -16.70 -3.81 2.34
C45 PC9 Z . -16.60 -4.26 0.84
C44 PC9 Z . -15.12 -4.42 0.30
C43 PC9 Z . -14.77 -3.92 -1.18
C42 PC9 Z . -15.98 -3.57 -2.08
C41 PC9 Z . -16.53 -2.17 -1.74
C40 PC9 Z . -17.92 -1.85 -2.32
C39 PC9 Z . -18.48 -0.52 -1.76
C38 PC9 Z . -20.00 -0.56 -1.76
C37 PC9 Z . -20.58 0.81 -2.13
BR2 PC9 Z . -20.67 1.95 -0.60
C36 PC9 Z . -22.00 0.71 -2.65
BR1 PC9 Z . -22.92 -0.65 -1.62
C35 PC9 Z . -22.81 2.01 -2.58
C34 PC9 Z . -24.09 1.70 -3.34
C33 PC9 Z . -24.85 2.96 -3.75
C32 PC9 Z . -25.57 2.80 -5.09
C31 PC9 Z . -26.47 4.00 -5.27
O31 PC9 Z . -26.12 5.02 -4.71
O2 PC9 Z . -27.63 3.99 -6.00
C2 PC9 Z . -28.72 4.59 -5.38
C1 PC9 Z . -29.31 5.70 -6.24
O3P PC9 Z . -30.77 5.57 -6.32
P PC9 Z . -31.70 5.84 -7.60
O1P PC9 Z . -33.02 6.52 -6.99
O2P PC9 Z . -30.99 6.48 -8.71
O4P PC9 Z . -32.08 4.37 -8.25
C4 PC9 Z . -32.80 4.34 -9.57
C5 PC9 Z . -33.00 2.87 -10.10
N PC9 Z . -34.40 2.33 -9.96
C7 PC9 Z . -35.40 3.43 -10.04
C8 PC9 Z . -34.53 1.56 -8.69
C6 PC9 Z . -34.71 1.37 -11.05
C3 PC9 Z . -29.71 3.45 -5.57
O3 PC9 Z . -30.03 3.09 -7.00
C11 PC9 Z . -30.33 1.75 -7.28
O11 PC9 Z . -31.24 1.49 -8.07
C12 PC9 Z . -29.55 0.61 -6.66
C13 PC9 Z . -30.46 -0.11 -5.68
C14 PC9 Z . -29.81 -0.27 -4.29
C15 PC9 Z . -28.76 -1.39 -4.22
C16 PC9 Z . -27.42 -0.96 -4.82
C17 PC9 Z . -26.70 -2.13 -5.51
C18 PC9 Z . -25.80 -2.90 -4.55
C19 PC9 Z . -24.33 -2.51 -4.69
C20 PC9 Z . -23.47 -3.77 -4.81
C21 PC9 Z . -22.06 -3.48 -5.32
C22 PC9 Z . -21.07 -4.30 -4.55
C23 PC9 Z . -20.66 -5.53 -5.34
C24 PC9 Z . -19.30 -6.00 -4.84
C25 PC9 Z . -19.53 -7.28 -4.07
C26 PC9 Z . -20.37 -7.02 -2.80
N1 LDA AA . -11.76 15.81 12.54
O1 LDA AA . -11.34 16.13 11.38
CM1 LDA AA . -10.64 15.91 13.50
CM2 LDA AA . -12.74 16.84 12.97
C1 LDA AA . -12.36 14.45 12.63
C2 LDA AA . -11.62 13.34 11.85
C3 LDA AA . -12.01 11.91 12.29
C4 LDA AA . -13.17 11.19 11.56
C5 LDA AA . -12.97 9.65 11.44
C6 LDA AA . -14.06 8.87 10.67
C7 LDA AA . -13.59 8.17 9.38
C8 LDA AA . -14.34 6.89 8.98
C9 LDA AA . -13.94 6.38 7.56
C10 LDA AA . -13.29 4.97 7.46
C11 LDA AA . -11.75 4.86 7.66
C12 LDA AA . -11.22 4.86 9.10
N1 LDA BA . -20.18 -18.07 4.53
O1 LDA BA . -20.96 -17.07 4.76
CM1 LDA BA . -19.92 -18.67 5.84
CM2 LDA BA . -20.94 -19.04 3.72
C1 LDA BA . -18.93 -17.74 3.82
C2 LDA BA . -18.00 -18.95 3.89
C3 LDA BA . -16.52 -18.65 3.73
C4 LDA BA . -16.11 -18.79 2.28
C5 LDA BA . -16.20 -20.21 1.79
C6 LDA BA . -15.09 -20.58 0.79
C7 LDA BA . -15.54 -20.67 -0.66
C8 LDA BA . -14.44 -21.35 -1.47
C9 LDA BA . -14.85 -21.64 -2.90
C10 LDA BA . -15.72 -22.93 -3.02
C11 LDA BA . -16.53 -23.05 -4.36
C12 LDA BA . -16.84 -21.73 -5.09
K K CA . -19.31 28.63 -5.00
N1 LDA DA . 16.65 -10.51 -21.76
O1 LDA DA . 17.45 -9.59 -22.08
CM1 LDA DA . 15.33 -9.93 -21.38
CM2 LDA DA . 16.49 -11.35 -22.97
C1 LDA DA . 17.15 -11.33 -20.65
C2 LDA DA . 17.47 -10.50 -19.40
C3 LDA DA . 17.20 -11.28 -18.11
C4 LDA DA . 18.07 -10.76 -16.97
C5 LDA DA . 17.52 -11.14 -15.60
C6 LDA DA . 18.24 -10.40 -14.46
C7 LDA DA . 17.27 -9.73 -13.49
C8 LDA DA . 17.97 -9.27 -12.22
C9 LDA DA . 17.13 -9.54 -10.98
C10 LDA DA . 17.92 -9.16 -9.73
C11 LDA DA . 17.15 -9.30 -8.41
C12 LDA DA . 17.98 -8.83 -7.21
N1 LDA EA . 22.55 -9.12 -20.38
O1 LDA EA . 21.39 -9.57 -20.52
CM1 LDA EA . 23.31 -10.05 -19.50
CM2 LDA EA . 23.24 -9.12 -21.68
C1 LDA EA . 22.54 -7.75 -19.84
C2 LDA EA . 21.35 -7.45 -18.90
C3 LDA EA . 21.41 -8.20 -17.55
C4 LDA EA . 20.95 -7.36 -16.36
C5 LDA EA . 21.47 -7.93 -15.03
C6 LDA EA . 21.07 -7.07 -13.84
C7 LDA EA . 21.90 -7.35 -12.59
C8 LDA EA . 21.15 -7.04 -11.28
C9 LDA EA . 22.11 -6.93 -10.09
C10 LDA EA . 21.38 -6.66 -8.76
C11 LDA EA . 22.32 -6.70 -7.52
C12 LDA EA . 21.81 -7.62 -6.40
N1 LDA FA . 16.88 -21.36 -11.99
O1 LDA FA . 15.90 -21.90 -12.58
CM1 LDA FA . 16.88 -21.93 -10.62
CM2 LDA FA . 18.11 -21.73 -12.73
C1 LDA FA . 16.64 -19.90 -11.97
C2 LDA FA . 17.90 -19.09 -12.29
C3 LDA FA . 17.56 -17.81 -13.04
C4 LDA FA . 16.68 -16.88 -12.22
C5 LDA FA . 17.44 -16.18 -11.11
C6 LDA FA . 16.68 -16.19 -9.80
C7 LDA FA . 15.57 -15.14 -9.81
C8 LDA FA . 16.00 -13.85 -9.12
C9 LDA FA . 14.80 -13.01 -8.74
C10 LDA FA . 14.57 -13.01 -7.23
C11 LDA FA . 14.95 -11.67 -6.54
C12 LDA FA . 14.18 -11.49 -5.25
N1 LDA GA . 16.64 -19.45 -6.77
O1 LDA GA . 15.63 -19.93 -6.21
CM1 LDA GA . 17.57 -20.54 -7.15
CM2 LDA GA . 16.23 -18.78 -8.02
C1 LDA GA . 17.28 -18.48 -5.91
C2 LDA GA . 16.24 -17.45 -5.46
C3 LDA GA . 16.82 -16.49 -4.42
C4 LDA GA . 15.85 -15.36 -4.11
C5 LDA GA . 16.09 -14.75 -2.72
C6 LDA GA . 17.34 -13.87 -2.70
C7 LDA GA . 17.39 -13.01 -1.42
C8 LDA GA . 18.77 -12.97 -0.72
C9 LDA GA . 18.99 -11.61 -0.06
C10 LDA GA . 20.27 -11.57 0.76
C11 LDA GA . 20.57 -10.17 1.29
C12 LDA GA . 21.24 -9.30 0.23
C1 GOL HA . -1.24 21.79 -3.05
O1 GOL HA . -0.38 20.68 -2.84
C2 GOL HA . -2.46 21.17 -3.68
O2 GOL HA . -3.19 20.48 -2.69
C3 GOL HA . -1.97 20.26 -4.80
O3 GOL HA . -2.89 19.19 -4.93
C1 GOL IA . -2.27 27.67 20.50
O1 GOL IA . -2.73 26.40 20.12
C2 GOL IA . -3.21 28.30 21.55
O2 GOL IA . -4.53 27.90 21.32
C3 GOL IA . -3.12 29.81 21.54
O3 GOL IA . -4.42 30.35 21.65
#